data_1NMJ
# 
_entry.id   1NMJ 
# 
_audit_conform.dict_name       mmcif_pdbx.dic 
_audit_conform.dict_version    5.392 
_audit_conform.dict_location   http://mmcif.pdb.org/dictionaries/ascii/mmcif_pdbx.dic 
# 
loop_
_database_2.database_id 
_database_2.database_code 
_database_2.pdbx_database_accession 
_database_2.pdbx_DOI 
PDB   1NMJ         pdb_00001nmj 10.2210/pdb1nmj/pdb 
RCSB  RCSB018005   ?            ?                   
WWPDB D_1000018005 ?            ?                   
# 
loop_
_pdbx_audit_revision_history.ordinal 
_pdbx_audit_revision_history.data_content_type 
_pdbx_audit_revision_history.major_revision 
_pdbx_audit_revision_history.minor_revision 
_pdbx_audit_revision_history.revision_date 
1 'Structure model' 1 0 2003-01-28 
2 'Structure model' 1 1 2008-04-29 
3 'Structure model' 1 2 2011-07-13 
4 'Structure model' 1 3 2022-02-23 
5 'Structure model' 1 4 2024-05-29 
# 
_pdbx_audit_revision_details.ordinal             1 
_pdbx_audit_revision_details.revision_ordinal    1 
_pdbx_audit_revision_details.data_content_type   'Structure model' 
_pdbx_audit_revision_details.provider            repository 
_pdbx_audit_revision_details.type                'Initial release' 
_pdbx_audit_revision_details.description         ? 
_pdbx_audit_revision_details.details             ? 
# 
loop_
_pdbx_audit_revision_group.ordinal 
_pdbx_audit_revision_group.revision_ordinal 
_pdbx_audit_revision_group.data_content_type 
_pdbx_audit_revision_group.group 
1 2 'Structure model' 'Version format compliance' 
2 3 'Structure model' 'Version format compliance' 
3 4 'Structure model' 'Database references'       
4 4 'Structure model' 'Derived calculations'      
5 5 'Structure model' 'Data collection'           
# 
loop_
_pdbx_audit_revision_category.ordinal 
_pdbx_audit_revision_category.revision_ordinal 
_pdbx_audit_revision_category.data_content_type 
_pdbx_audit_revision_category.category 
1 4 'Structure model' database_2            
2 4 'Structure model' pdbx_struct_assembly  
3 4 'Structure model' pdbx_struct_oper_list 
4 5 'Structure model' chem_comp_atom        
5 5 'Structure model' chem_comp_bond        
# 
loop_
_pdbx_audit_revision_item.ordinal 
_pdbx_audit_revision_item.revision_ordinal 
_pdbx_audit_revision_item.data_content_type 
_pdbx_audit_revision_item.item 
1 4 'Structure model' '_database_2.pdbx_DOI'                
2 4 'Structure model' '_database_2.pdbx_database_accession' 
# 
_database_PDB_caveat.id     1 
_database_PDB_caveat.text   'There are several chirality errors at the CA center.' 
# 
_pdbx_database_status.status_code                     REL 
_pdbx_database_status.entry_id                        1NMJ 
_pdbx_database_status.recvd_initial_deposition_date   2003-01-10 
_pdbx_database_status.deposit_site                    RCSB 
_pdbx_database_status.process_site                    PDBJ 
_pdbx_database_status.status_code_sf                  ? 
_pdbx_database_status.status_code_mr                  ? 
_pdbx_database_status.SG_entry                        ? 
_pdbx_database_status.pdb_format_compatible           Y 
_pdbx_database_status.status_code_cs                  ? 
_pdbx_database_status.status_code_nmr_data            ? 
_pdbx_database_status.methods_development_category    ? 
# 
loop_
_pdbx_database_related.db_name 
_pdbx_database_related.db_id 
_pdbx_database_related.details 
_pdbx_database_related.content_type 
PDB 1AMB . unspecified 
PDB 1AMC . unspecified 
PDB 1BJB . unspecified 
PDB 1BJC . unspecified 
# 
loop_
_audit_author.name 
_audit_author.pdbx_ordinal 
'Huang, J.'  1 
'Yao, Y.'    2 
'Tang, W.X.' 3 
# 
_citation.id                        primary 
_citation.title                     
;The solution structure of rat Abeta-(1-28) and its interaction with zinc ion: insights into the scarcity of amyloid deposition in aged rat brain
;
_citation.journal_abbrev            J.Biol.Inorg.Chem. 
_citation.journal_volume            9 
_citation.page_first                627 
_citation.page_last                 635 
_citation.year                      2004 
_citation.journal_id_ASTM           JJBCFA 
_citation.country                   GW 
_citation.journal_id_ISSN           0949-8257 
_citation.journal_id_CSD            2154 
_citation.book_publisher            ? 
_citation.pdbx_database_id_PubMed   15160315 
_citation.pdbx_database_id_DOI      10.1007/s00775-004-0556-x 
# 
loop_
_citation_author.citation_id 
_citation_author.name 
_citation_author.ordinal 
_citation_author.identifier_ORCID 
primary 'Huang, J.'  1 ? 
primary 'Yao, Y.'    2 ? 
primary 'Lin, J.'    3 ? 
primary 'Ye, Y.H.'   4 ? 
primary 'Sun, W.Y.'  5 ? 
primary 'Tang, W.X.' 6 ? 
# 
_entity.id                         1 
_entity.type                       polymer 
_entity.src_method                 man 
_entity.pdbx_description           
;amyloid beta-peptide from Alzheimer's disease amyloid A4 protein homolog
;
_entity.formula_weight             3171.411 
_entity.pdbx_number_of_molecules   1 
_entity.pdbx_ec                    ? 
_entity.pdbx_mutation              ? 
_entity.pdbx_fragment              ? 
_entity.details                    ? 
# 
_entity_poly.entity_id                      1 
_entity_poly.type                           'polypeptide(L)' 
_entity_poly.nstd_linkage                   no 
_entity_poly.nstd_monomer                   no 
_entity_poly.pdbx_seq_one_letter_code       DAEFGHDSGFEVRHQKLVFFAEDVGSNK 
_entity_poly.pdbx_seq_one_letter_code_can   DAEFGHDSGFEVRHQKLVFFAEDVGSNK 
_entity_poly.pdbx_strand_id                 A 
_entity_poly.pdbx_target_identifier         ? 
# 
loop_
_entity_poly_seq.entity_id 
_entity_poly_seq.num 
_entity_poly_seq.mon_id 
_entity_poly_seq.hetero 
1 1  ASP n 
1 2  ALA n 
1 3  GLU n 
1 4  PHE n 
1 5  GLY n 
1 6  HIS n 
1 7  ASP n 
1 8  SER n 
1 9  GLY n 
1 10 PHE n 
1 11 GLU n 
1 12 VAL n 
1 13 ARG n 
1 14 HIS n 
1 15 GLN n 
1 16 LYS n 
1 17 LEU n 
1 18 VAL n 
1 19 PHE n 
1 20 PHE n 
1 21 ALA n 
1 22 GLU n 
1 23 ASP n 
1 24 VAL n 
1 25 GLY n 
1 26 SER n 
1 27 ASN n 
1 28 LYS n 
# 
_entity_src_gen.entity_id                          1 
_entity_src_gen.pdbx_src_id                        1 
_entity_src_gen.pdbx_alt_source_flag               sample 
_entity_src_gen.pdbx_seq_type                      ? 
_entity_src_gen.pdbx_beg_seq_num                   ? 
_entity_src_gen.pdbx_end_seq_num                   ? 
_entity_src_gen.gene_src_common_name               'Norway rat' 
_entity_src_gen.gene_src_genus                     Rattus 
_entity_src_gen.pdbx_gene_src_gene                 ? 
_entity_src_gen.gene_src_species                   ? 
_entity_src_gen.gene_src_strain                    ? 
_entity_src_gen.gene_src_tissue                    ? 
_entity_src_gen.gene_src_tissue_fraction           ? 
_entity_src_gen.gene_src_details                   ? 
_entity_src_gen.pdbx_gene_src_fragment             ? 
_entity_src_gen.pdbx_gene_src_scientific_name      'Rattus norvegicus' 
_entity_src_gen.pdbx_gene_src_ncbi_taxonomy_id     10116 
_entity_src_gen.pdbx_gene_src_variant              ? 
_entity_src_gen.pdbx_gene_src_cell_line            ? 
_entity_src_gen.pdbx_gene_src_atcc                 ? 
_entity_src_gen.pdbx_gene_src_organ                ? 
_entity_src_gen.pdbx_gene_src_organelle            ? 
_entity_src_gen.pdbx_gene_src_cell                 ? 
_entity_src_gen.pdbx_gene_src_cellular_location    ? 
_entity_src_gen.host_org_common_name               ? 
_entity_src_gen.pdbx_host_org_scientific_name      'Escherichia coli' 
_entity_src_gen.pdbx_host_org_ncbi_taxonomy_id     562 
_entity_src_gen.host_org_genus                     Escherichia 
_entity_src_gen.pdbx_host_org_gene                 ? 
_entity_src_gen.pdbx_host_org_organ                ? 
_entity_src_gen.host_org_species                   ? 
_entity_src_gen.pdbx_host_org_tissue               ? 
_entity_src_gen.pdbx_host_org_tissue_fraction      ? 
_entity_src_gen.pdbx_host_org_strain               ? 
_entity_src_gen.pdbx_host_org_variant              ? 
_entity_src_gen.pdbx_host_org_cell_line            ? 
_entity_src_gen.pdbx_host_org_atcc                 ? 
_entity_src_gen.pdbx_host_org_culture_collection   ? 
_entity_src_gen.pdbx_host_org_cell                 ? 
_entity_src_gen.pdbx_host_org_organelle            ? 
_entity_src_gen.pdbx_host_org_cellular_location    ? 
_entity_src_gen.pdbx_host_org_vector_type          ? 
_entity_src_gen.pdbx_host_org_vector               ? 
_entity_src_gen.host_org_details                   ? 
_entity_src_gen.expression_system_id               ? 
_entity_src_gen.plasmid_name                       ? 
_entity_src_gen.plasmid_details                    ? 
_entity_src_gen.pdbx_description                   ? 
# 
loop_
_chem_comp.id 
_chem_comp.type 
_chem_comp.mon_nstd_flag 
_chem_comp.name 
_chem_comp.pdbx_synonyms 
_chem_comp.formula 
_chem_comp.formula_weight 
ALA 'L-peptide linking' y ALANINE         ? 'C3 H7 N O2'     89.093  
ARG 'L-peptide linking' y ARGININE        ? 'C6 H15 N4 O2 1' 175.209 
ASN 'L-peptide linking' y ASPARAGINE      ? 'C4 H8 N2 O3'    132.118 
ASP 'L-peptide linking' y 'ASPARTIC ACID' ? 'C4 H7 N O4'     133.103 
GLN 'L-peptide linking' y GLUTAMINE       ? 'C5 H10 N2 O3'   146.144 
GLU 'L-peptide linking' y 'GLUTAMIC ACID' ? 'C5 H9 N O4'     147.129 
GLY 'peptide linking'   y GLYCINE         ? 'C2 H5 N O2'     75.067  
HIS 'L-peptide linking' y HISTIDINE       ? 'C6 H10 N3 O2 1' 156.162 
LEU 'L-peptide linking' y LEUCINE         ? 'C6 H13 N O2'    131.173 
LYS 'L-peptide linking' y LYSINE          ? 'C6 H15 N2 O2 1' 147.195 
PHE 'L-peptide linking' y PHENYLALANINE   ? 'C9 H11 N O2'    165.189 
SER 'L-peptide linking' y SERINE          ? 'C3 H7 N O3'     105.093 
VAL 'L-peptide linking' y VALINE          ? 'C5 H11 N O2'    117.146 
# 
loop_
_pdbx_poly_seq_scheme.asym_id 
_pdbx_poly_seq_scheme.entity_id 
_pdbx_poly_seq_scheme.seq_id 
_pdbx_poly_seq_scheme.mon_id 
_pdbx_poly_seq_scheme.ndb_seq_num 
_pdbx_poly_seq_scheme.pdb_seq_num 
_pdbx_poly_seq_scheme.auth_seq_num 
_pdbx_poly_seq_scheme.pdb_mon_id 
_pdbx_poly_seq_scheme.auth_mon_id 
_pdbx_poly_seq_scheme.pdb_strand_id 
_pdbx_poly_seq_scheme.pdb_ins_code 
_pdbx_poly_seq_scheme.hetero 
A 1 1  ASP 1  1  1  ASP ASP A . n 
A 1 2  ALA 2  2  2  ALA ALA A . n 
A 1 3  GLU 3  3  3  GLU GLU A . n 
A 1 4  PHE 4  4  4  PHE PHE A . n 
A 1 5  GLY 5  5  5  GLY GLY A . n 
A 1 6  HIS 6  6  6  HIS HIS A . n 
A 1 7  ASP 7  7  7  ASP ASP A . n 
A 1 8  SER 8  8  8  SER SER A . n 
A 1 9  GLY 9  9  9  GLY GLY A . n 
A 1 10 PHE 10 10 10 PHE PHE A . n 
A 1 11 GLU 11 11 11 GLU GLU A . n 
A 1 12 VAL 12 12 12 VAL VAL A . n 
A 1 13 ARG 13 13 13 ARG ARG A . n 
A 1 14 HIS 14 14 14 HIS HIS A . n 
A 1 15 GLN 15 15 15 GLN GLN A . n 
A 1 16 LYS 16 16 16 LYS LYS A . n 
A 1 17 LEU 17 17 17 LEU LEU A . n 
A 1 18 VAL 18 18 18 VAL VAL A . n 
A 1 19 PHE 19 19 19 PHE PHE A . n 
A 1 20 PHE 20 20 20 PHE PHE A . n 
A 1 21 ALA 21 21 21 ALA ALA A . n 
A 1 22 GLU 22 22 22 GLU GLU A . n 
A 1 23 ASP 23 23 23 ASP ASP A . n 
A 1 24 VAL 24 24 24 VAL VAL A . n 
A 1 25 GLY 25 25 25 GLY GLY A . n 
A 1 26 SER 26 26 26 SER SER A . n 
A 1 27 ASN 27 27 27 ASN ASN A . n 
A 1 28 LYS 28 28 28 LYS LYS A . n 
# 
_exptl.entry_id          1NMJ 
_exptl.method            'SOLUTION NMR' 
_exptl.crystals_number   ? 
# 
_exptl_crystal.id                    1 
_exptl_crystal.density_meas          ? 
_exptl_crystal.density_Matthews      ? 
_exptl_crystal.density_percent_sol   ? 
_exptl_crystal.description           ? 
# 
_diffrn.id                     1 
_diffrn.ambient_temp           ? 
_diffrn.ambient_temp_details   ? 
_diffrn.crystal_id             1 
# 
_diffrn_radiation.diffrn_id                        1 
_diffrn_radiation.wavelength_id                    1 
_diffrn_radiation.pdbx_monochromatic_or_laue_m_l   M 
_diffrn_radiation.monochromator                    ? 
_diffrn_radiation.pdbx_diffrn_protocol             'SINGLE WAVELENGTH' 
_diffrn_radiation.pdbx_scattering_type             ? 
# 
_diffrn_radiation_wavelength.id           1 
_diffrn_radiation_wavelength.wavelength   . 
_diffrn_radiation_wavelength.wt           1.0 
# 
_struct.entry_id                  1NMJ 
_struct.title                     
;The Solution Structure of Rat Ab-(1-28) and its Interaction with Zinc: Insights into the Scarity of Amyloid Deposition in Aged Rat Brain
;
_struct.pdbx_model_details        ? 
_struct.pdbx_CASP_flag            ? 
_struct.pdbx_model_type_details   ? 
# 
_struct_keywords.entry_id        1NMJ 
_struct_keywords.pdbx_keywords   'MEMBRANE PROTEIN' 
_struct_keywords.text            'Glycoprotein, Amyloid, membrane protein' 
# 
_struct_asym.id                            A 
_struct_asym.pdbx_blank_PDB_chainid_flag   N 
_struct_asym.pdbx_modified                 N 
_struct_asym.entity_id                     1 
_struct_asym.details                       ? 
# 
_struct_ref.id                         1 
_struct_ref.db_name                    UNP 
_struct_ref.db_code                    A4_RAT 
_struct_ref.entity_id                  1 
_struct_ref.pdbx_seq_one_letter_code   DAEFGHDSGFEVRHQKLVFFAEDVGSNK 
_struct_ref.pdbx_align_begin           672 
_struct_ref.pdbx_db_accession          P08592 
_struct_ref.pdbx_db_isoform            ? 
# 
_struct_ref_seq.align_id                      1 
_struct_ref_seq.ref_id                        1 
_struct_ref_seq.pdbx_PDB_id_code              1NMJ 
_struct_ref_seq.pdbx_strand_id                A 
_struct_ref_seq.seq_align_beg                 1 
_struct_ref_seq.pdbx_seq_align_beg_ins_code   ? 
_struct_ref_seq.seq_align_end                 28 
_struct_ref_seq.pdbx_seq_align_end_ins_code   ? 
_struct_ref_seq.pdbx_db_accession             P08592 
_struct_ref_seq.db_align_beg                  672 
_struct_ref_seq.pdbx_db_align_beg_ins_code    ? 
_struct_ref_seq.db_align_end                  699 
_struct_ref_seq.pdbx_db_align_end_ins_code    ? 
_struct_ref_seq.pdbx_auth_seq_align_beg       1 
_struct_ref_seq.pdbx_auth_seq_align_end       28 
# 
_pdbx_struct_assembly.id                   1 
_pdbx_struct_assembly.details              author_defined_assembly 
_pdbx_struct_assembly.method_details       ? 
_pdbx_struct_assembly.oligomeric_details   monomeric 
_pdbx_struct_assembly.oligomeric_count     1 
# 
_pdbx_struct_assembly_gen.assembly_id       1 
_pdbx_struct_assembly_gen.oper_expression   1 
_pdbx_struct_assembly_gen.asym_id_list      A 
# 
_pdbx_struct_oper_list.id                   1 
_pdbx_struct_oper_list.type                 'identity operation' 
_pdbx_struct_oper_list.name                 1_555 
_pdbx_struct_oper_list.symmetry_operation   x,y,z 
_pdbx_struct_oper_list.matrix[1][1]         1.0000000000 
_pdbx_struct_oper_list.matrix[1][2]         0.0000000000 
_pdbx_struct_oper_list.matrix[1][3]         0.0000000000 
_pdbx_struct_oper_list.vector[1]            0.0000000000 
_pdbx_struct_oper_list.matrix[2][1]         0.0000000000 
_pdbx_struct_oper_list.matrix[2][2]         1.0000000000 
_pdbx_struct_oper_list.matrix[2][3]         0.0000000000 
_pdbx_struct_oper_list.vector[2]            0.0000000000 
_pdbx_struct_oper_list.matrix[3][1]         0.0000000000 
_pdbx_struct_oper_list.matrix[3][2]         0.0000000000 
_pdbx_struct_oper_list.matrix[3][3]         1.0000000000 
_pdbx_struct_oper_list.vector[3]            0.0000000000 
# 
_struct_biol.id   1 
# 
_struct_conf.conf_type_id            HELX_P 
_struct_conf.id                      HELX_P1 
_struct_conf.pdbx_PDB_helix_id       1 
_struct_conf.beg_label_comp_id       GLN 
_struct_conf.beg_label_asym_id       A 
_struct_conf.beg_label_seq_id        15 
_struct_conf.pdbx_beg_PDB_ins_code   ? 
_struct_conf.end_label_comp_id       GLY 
_struct_conf.end_label_asym_id       A 
_struct_conf.end_label_seq_id        25 
_struct_conf.pdbx_end_PDB_ins_code   ? 
_struct_conf.beg_auth_comp_id        GLN 
_struct_conf.beg_auth_asym_id        A 
_struct_conf.beg_auth_seq_id         15 
_struct_conf.end_auth_comp_id        GLY 
_struct_conf.end_auth_asym_id        A 
_struct_conf.end_auth_seq_id         25 
_struct_conf.pdbx_PDB_helix_class    1 
_struct_conf.details                 ? 
_struct_conf.pdbx_PDB_helix_length   11 
# 
_struct_conf_type.id          HELX_P 
_struct_conf_type.criteria    ? 
_struct_conf_type.reference   ? 
# 
loop_
_pdbx_validate_torsion.id 
_pdbx_validate_torsion.PDB_model_num 
_pdbx_validate_torsion.auth_comp_id 
_pdbx_validate_torsion.auth_asym_id 
_pdbx_validate_torsion.auth_seq_id 
_pdbx_validate_torsion.PDB_ins_code 
_pdbx_validate_torsion.label_alt_id 
_pdbx_validate_torsion.phi 
_pdbx_validate_torsion.psi 
1 1 GLU A 3  ? ? -72.57 46.03   
2 1 PHE A 10 ? ? 1.33   -79.42  
3 1 VAL A 12 ? ? 37.01  -75.42  
4 1 ARG A 13 ? ? -70.51 33.17   
5 1 HIS A 14 ? ? 54.72  12.07   
6 1 GLN A 15 ? ? 58.60  -62.88  
7 1 PHE A 19 ? ? -77.65 -82.56  
8 1 ASN A 27 ? ? -0.73  -103.56 
# 
_pdbx_validate_peptide_omega.id               1 
_pdbx_validate_peptide_omega.PDB_model_num    1 
_pdbx_validate_peptide_omega.auth_comp_id_1   SER 
_pdbx_validate_peptide_omega.auth_asym_id_1   A 
_pdbx_validate_peptide_omega.auth_seq_id_1    26 
_pdbx_validate_peptide_omega.PDB_ins_code_1   ? 
_pdbx_validate_peptide_omega.label_alt_id_1   ? 
_pdbx_validate_peptide_omega.auth_comp_id_2   ASN 
_pdbx_validate_peptide_omega.auth_asym_id_2   A 
_pdbx_validate_peptide_omega.auth_seq_id_2    27 
_pdbx_validate_peptide_omega.PDB_ins_code_2   ? 
_pdbx_validate_peptide_omega.label_alt_id_2   ? 
_pdbx_validate_peptide_omega.omega            148.25 
# 
loop_
_pdbx_validate_chiral.id 
_pdbx_validate_chiral.PDB_model_num 
_pdbx_validate_chiral.auth_atom_id 
_pdbx_validate_chiral.label_alt_id 
_pdbx_validate_chiral.auth_asym_id 
_pdbx_validate_chiral.auth_comp_id 
_pdbx_validate_chiral.auth_seq_id 
_pdbx_validate_chiral.PDB_ins_code 
_pdbx_validate_chiral.details 
_pdbx_validate_chiral.omega 
1 1 CA ? A ASP 1  ? 'WRONG HAND' . 
2 1 CA ? A ASN 27 ? 'WRONG HAND' . 
3 1 CA ? A LYS 28 ? 'WRONG HAND' . 
# 
_pdbx_nmr_ensemble.entry_id                             1NMJ 
_pdbx_nmr_ensemble.conformers_calculated_total_number   ? 
_pdbx_nmr_ensemble.conformers_submitted_total_number    1 
_pdbx_nmr_ensemble.conformer_selection_criteria         ? 
# 
_pdbx_nmr_sample_details.solution_id      1 
_pdbx_nmr_sample_details.contents         '2mM rat ab-(1-28)' 
_pdbx_nmr_sample_details.solvent_system   DMSO 
# 
_pdbx_nmr_exptl_sample_conditions.conditions_id       1 
_pdbx_nmr_exptl_sample_conditions.temperature         298 
_pdbx_nmr_exptl_sample_conditions.pressure            ? 
_pdbx_nmr_exptl_sample_conditions.pH                  ? 
_pdbx_nmr_exptl_sample_conditions.ionic_strength      ? 
_pdbx_nmr_exptl_sample_conditions.pressure_units      ? 
_pdbx_nmr_exptl_sample_conditions.temperature_units   K 
# 
loop_
_pdbx_nmr_exptl.experiment_id 
_pdbx_nmr_exptl.solution_id 
_pdbx_nmr_exptl.conditions_id 
_pdbx_nmr_exptl.type 
1 1 1 '2D TOCSY' 
2 1 1 '2D TOCSY' 
3 1 1 DQF-COSY   
# 
loop_
_chem_comp_atom.comp_id 
_chem_comp_atom.atom_id 
_chem_comp_atom.type_symbol 
_chem_comp_atom.pdbx_aromatic_flag 
_chem_comp_atom.pdbx_stereo_config 
_chem_comp_atom.pdbx_ordinal 
ALA N    N N N 1   
ALA CA   C N S 2   
ALA C    C N N 3   
ALA O    O N N 4   
ALA CB   C N N 5   
ALA OXT  O N N 6   
ALA H    H N N 7   
ALA H2   H N N 8   
ALA HA   H N N 9   
ALA HB1  H N N 10  
ALA HB2  H N N 11  
ALA HB3  H N N 12  
ALA HXT  H N N 13  
ARG N    N N N 14  
ARG CA   C N S 15  
ARG C    C N N 16  
ARG O    O N N 17  
ARG CB   C N N 18  
ARG CG   C N N 19  
ARG CD   C N N 20  
ARG NE   N N N 21  
ARG CZ   C N N 22  
ARG NH1  N N N 23  
ARG NH2  N N N 24  
ARG OXT  O N N 25  
ARG H    H N N 26  
ARG H2   H N N 27  
ARG HA   H N N 28  
ARG HB2  H N N 29  
ARG HB3  H N N 30  
ARG HG2  H N N 31  
ARG HG3  H N N 32  
ARG HD2  H N N 33  
ARG HD3  H N N 34  
ARG HE   H N N 35  
ARG HH11 H N N 36  
ARG HH12 H N N 37  
ARG HH21 H N N 38  
ARG HH22 H N N 39  
ARG HXT  H N N 40  
ASN N    N N N 41  
ASN CA   C N S 42  
ASN C    C N N 43  
ASN O    O N N 44  
ASN CB   C N N 45  
ASN CG   C N N 46  
ASN OD1  O N N 47  
ASN ND2  N N N 48  
ASN OXT  O N N 49  
ASN H    H N N 50  
ASN H2   H N N 51  
ASN HA   H N N 52  
ASN HB2  H N N 53  
ASN HB3  H N N 54  
ASN HD21 H N N 55  
ASN HD22 H N N 56  
ASN HXT  H N N 57  
ASP N    N N N 58  
ASP CA   C N S 59  
ASP C    C N N 60  
ASP O    O N N 61  
ASP CB   C N N 62  
ASP CG   C N N 63  
ASP OD1  O N N 64  
ASP OD2  O N N 65  
ASP OXT  O N N 66  
ASP H    H N N 67  
ASP H2   H N N 68  
ASP HA   H N N 69  
ASP HB2  H N N 70  
ASP HB3  H N N 71  
ASP HD2  H N N 72  
ASP HXT  H N N 73  
GLN N    N N N 74  
GLN CA   C N S 75  
GLN C    C N N 76  
GLN O    O N N 77  
GLN CB   C N N 78  
GLN CG   C N N 79  
GLN CD   C N N 80  
GLN OE1  O N N 81  
GLN NE2  N N N 82  
GLN OXT  O N N 83  
GLN H    H N N 84  
GLN H2   H N N 85  
GLN HA   H N N 86  
GLN HB2  H N N 87  
GLN HB3  H N N 88  
GLN HG2  H N N 89  
GLN HG3  H N N 90  
GLN HE21 H N N 91  
GLN HE22 H N N 92  
GLN HXT  H N N 93  
GLU N    N N N 94  
GLU CA   C N S 95  
GLU C    C N N 96  
GLU O    O N N 97  
GLU CB   C N N 98  
GLU CG   C N N 99  
GLU CD   C N N 100 
GLU OE1  O N N 101 
GLU OE2  O N N 102 
GLU OXT  O N N 103 
GLU H    H N N 104 
GLU H2   H N N 105 
GLU HA   H N N 106 
GLU HB2  H N N 107 
GLU HB3  H N N 108 
GLU HG2  H N N 109 
GLU HG3  H N N 110 
GLU HE2  H N N 111 
GLU HXT  H N N 112 
GLY N    N N N 113 
GLY CA   C N N 114 
GLY C    C N N 115 
GLY O    O N N 116 
GLY OXT  O N N 117 
GLY H    H N N 118 
GLY H2   H N N 119 
GLY HA2  H N N 120 
GLY HA3  H N N 121 
GLY HXT  H N N 122 
HIS N    N N N 123 
HIS CA   C N S 124 
HIS C    C N N 125 
HIS O    O N N 126 
HIS CB   C N N 127 
HIS CG   C Y N 128 
HIS ND1  N Y N 129 
HIS CD2  C Y N 130 
HIS CE1  C Y N 131 
HIS NE2  N Y N 132 
HIS OXT  O N N 133 
HIS H    H N N 134 
HIS H2   H N N 135 
HIS HA   H N N 136 
HIS HB2  H N N 137 
HIS HB3  H N N 138 
HIS HD1  H N N 139 
HIS HD2  H N N 140 
HIS HE1  H N N 141 
HIS HE2  H N N 142 
HIS HXT  H N N 143 
LEU N    N N N 144 
LEU CA   C N S 145 
LEU C    C N N 146 
LEU O    O N N 147 
LEU CB   C N N 148 
LEU CG   C N N 149 
LEU CD1  C N N 150 
LEU CD2  C N N 151 
LEU OXT  O N N 152 
LEU H    H N N 153 
LEU H2   H N N 154 
LEU HA   H N N 155 
LEU HB2  H N N 156 
LEU HB3  H N N 157 
LEU HG   H N N 158 
LEU HD11 H N N 159 
LEU HD12 H N N 160 
LEU HD13 H N N 161 
LEU HD21 H N N 162 
LEU HD22 H N N 163 
LEU HD23 H N N 164 
LEU HXT  H N N 165 
LYS N    N N N 166 
LYS CA   C N S 167 
LYS C    C N N 168 
LYS O    O N N 169 
LYS CB   C N N 170 
LYS CG   C N N 171 
LYS CD   C N N 172 
LYS CE   C N N 173 
LYS NZ   N N N 174 
LYS OXT  O N N 175 
LYS H    H N N 176 
LYS H2   H N N 177 
LYS HA   H N N 178 
LYS HB2  H N N 179 
LYS HB3  H N N 180 
LYS HG2  H N N 181 
LYS HG3  H N N 182 
LYS HD2  H N N 183 
LYS HD3  H N N 184 
LYS HE2  H N N 185 
LYS HE3  H N N 186 
LYS HZ1  H N N 187 
LYS HZ2  H N N 188 
LYS HZ3  H N N 189 
LYS HXT  H N N 190 
PHE N    N N N 191 
PHE CA   C N S 192 
PHE C    C N N 193 
PHE O    O N N 194 
PHE CB   C N N 195 
PHE CG   C Y N 196 
PHE CD1  C Y N 197 
PHE CD2  C Y N 198 
PHE CE1  C Y N 199 
PHE CE2  C Y N 200 
PHE CZ   C Y N 201 
PHE OXT  O N N 202 
PHE H    H N N 203 
PHE H2   H N N 204 
PHE HA   H N N 205 
PHE HB2  H N N 206 
PHE HB3  H N N 207 
PHE HD1  H N N 208 
PHE HD2  H N N 209 
PHE HE1  H N N 210 
PHE HE2  H N N 211 
PHE HZ   H N N 212 
PHE HXT  H N N 213 
SER N    N N N 214 
SER CA   C N S 215 
SER C    C N N 216 
SER O    O N N 217 
SER CB   C N N 218 
SER OG   O N N 219 
SER OXT  O N N 220 
SER H    H N N 221 
SER H2   H N N 222 
SER HA   H N N 223 
SER HB2  H N N 224 
SER HB3  H N N 225 
SER HG   H N N 226 
SER HXT  H N N 227 
VAL N    N N N 228 
VAL CA   C N S 229 
VAL C    C N N 230 
VAL O    O N N 231 
VAL CB   C N N 232 
VAL CG1  C N N 233 
VAL CG2  C N N 234 
VAL OXT  O N N 235 
VAL H    H N N 236 
VAL H2   H N N 237 
VAL HA   H N N 238 
VAL HB   H N N 239 
VAL HG11 H N N 240 
VAL HG12 H N N 241 
VAL HG13 H N N 242 
VAL HG21 H N N 243 
VAL HG22 H N N 244 
VAL HG23 H N N 245 
VAL HXT  H N N 246 
# 
loop_
_chem_comp_bond.comp_id 
_chem_comp_bond.atom_id_1 
_chem_comp_bond.atom_id_2 
_chem_comp_bond.value_order 
_chem_comp_bond.pdbx_aromatic_flag 
_chem_comp_bond.pdbx_stereo_config 
_chem_comp_bond.pdbx_ordinal 
ALA N   CA   sing N N 1   
ALA N   H    sing N N 2   
ALA N   H2   sing N N 3   
ALA CA  C    sing N N 4   
ALA CA  CB   sing N N 5   
ALA CA  HA   sing N N 6   
ALA C   O    doub N N 7   
ALA C   OXT  sing N N 8   
ALA CB  HB1  sing N N 9   
ALA CB  HB2  sing N N 10  
ALA CB  HB3  sing N N 11  
ALA OXT HXT  sing N N 12  
ARG N   CA   sing N N 13  
ARG N   H    sing N N 14  
ARG N   H2   sing N N 15  
ARG CA  C    sing N N 16  
ARG CA  CB   sing N N 17  
ARG CA  HA   sing N N 18  
ARG C   O    doub N N 19  
ARG C   OXT  sing N N 20  
ARG CB  CG   sing N N 21  
ARG CB  HB2  sing N N 22  
ARG CB  HB3  sing N N 23  
ARG CG  CD   sing N N 24  
ARG CG  HG2  sing N N 25  
ARG CG  HG3  sing N N 26  
ARG CD  NE   sing N N 27  
ARG CD  HD2  sing N N 28  
ARG CD  HD3  sing N N 29  
ARG NE  CZ   sing N N 30  
ARG NE  HE   sing N N 31  
ARG CZ  NH1  sing N N 32  
ARG CZ  NH2  doub N N 33  
ARG NH1 HH11 sing N N 34  
ARG NH1 HH12 sing N N 35  
ARG NH2 HH21 sing N N 36  
ARG NH2 HH22 sing N N 37  
ARG OXT HXT  sing N N 38  
ASN N   CA   sing N N 39  
ASN N   H    sing N N 40  
ASN N   H2   sing N N 41  
ASN CA  C    sing N N 42  
ASN CA  CB   sing N N 43  
ASN CA  HA   sing N N 44  
ASN C   O    doub N N 45  
ASN C   OXT  sing N N 46  
ASN CB  CG   sing N N 47  
ASN CB  HB2  sing N N 48  
ASN CB  HB3  sing N N 49  
ASN CG  OD1  doub N N 50  
ASN CG  ND2  sing N N 51  
ASN ND2 HD21 sing N N 52  
ASN ND2 HD22 sing N N 53  
ASN OXT HXT  sing N N 54  
ASP N   CA   sing N N 55  
ASP N   H    sing N N 56  
ASP N   H2   sing N N 57  
ASP CA  C    sing N N 58  
ASP CA  CB   sing N N 59  
ASP CA  HA   sing N N 60  
ASP C   O    doub N N 61  
ASP C   OXT  sing N N 62  
ASP CB  CG   sing N N 63  
ASP CB  HB2  sing N N 64  
ASP CB  HB3  sing N N 65  
ASP CG  OD1  doub N N 66  
ASP CG  OD2  sing N N 67  
ASP OD2 HD2  sing N N 68  
ASP OXT HXT  sing N N 69  
GLN N   CA   sing N N 70  
GLN N   H    sing N N 71  
GLN N   H2   sing N N 72  
GLN CA  C    sing N N 73  
GLN CA  CB   sing N N 74  
GLN CA  HA   sing N N 75  
GLN C   O    doub N N 76  
GLN C   OXT  sing N N 77  
GLN CB  CG   sing N N 78  
GLN CB  HB2  sing N N 79  
GLN CB  HB3  sing N N 80  
GLN CG  CD   sing N N 81  
GLN CG  HG2  sing N N 82  
GLN CG  HG3  sing N N 83  
GLN CD  OE1  doub N N 84  
GLN CD  NE2  sing N N 85  
GLN NE2 HE21 sing N N 86  
GLN NE2 HE22 sing N N 87  
GLN OXT HXT  sing N N 88  
GLU N   CA   sing N N 89  
GLU N   H    sing N N 90  
GLU N   H2   sing N N 91  
GLU CA  C    sing N N 92  
GLU CA  CB   sing N N 93  
GLU CA  HA   sing N N 94  
GLU C   O    doub N N 95  
GLU C   OXT  sing N N 96  
GLU CB  CG   sing N N 97  
GLU CB  HB2  sing N N 98  
GLU CB  HB3  sing N N 99  
GLU CG  CD   sing N N 100 
GLU CG  HG2  sing N N 101 
GLU CG  HG3  sing N N 102 
GLU CD  OE1  doub N N 103 
GLU CD  OE2  sing N N 104 
GLU OE2 HE2  sing N N 105 
GLU OXT HXT  sing N N 106 
GLY N   CA   sing N N 107 
GLY N   H    sing N N 108 
GLY N   H2   sing N N 109 
GLY CA  C    sing N N 110 
GLY CA  HA2  sing N N 111 
GLY CA  HA3  sing N N 112 
GLY C   O    doub N N 113 
GLY C   OXT  sing N N 114 
GLY OXT HXT  sing N N 115 
HIS N   CA   sing N N 116 
HIS N   H    sing N N 117 
HIS N   H2   sing N N 118 
HIS CA  C    sing N N 119 
HIS CA  CB   sing N N 120 
HIS CA  HA   sing N N 121 
HIS C   O    doub N N 122 
HIS C   OXT  sing N N 123 
HIS CB  CG   sing N N 124 
HIS CB  HB2  sing N N 125 
HIS CB  HB3  sing N N 126 
HIS CG  ND1  sing Y N 127 
HIS CG  CD2  doub Y N 128 
HIS ND1 CE1  doub Y N 129 
HIS ND1 HD1  sing N N 130 
HIS CD2 NE2  sing Y N 131 
HIS CD2 HD2  sing N N 132 
HIS CE1 NE2  sing Y N 133 
HIS CE1 HE1  sing N N 134 
HIS NE2 HE2  sing N N 135 
HIS OXT HXT  sing N N 136 
LEU N   CA   sing N N 137 
LEU N   H    sing N N 138 
LEU N   H2   sing N N 139 
LEU CA  C    sing N N 140 
LEU CA  CB   sing N N 141 
LEU CA  HA   sing N N 142 
LEU C   O    doub N N 143 
LEU C   OXT  sing N N 144 
LEU CB  CG   sing N N 145 
LEU CB  HB2  sing N N 146 
LEU CB  HB3  sing N N 147 
LEU CG  CD1  sing N N 148 
LEU CG  CD2  sing N N 149 
LEU CG  HG   sing N N 150 
LEU CD1 HD11 sing N N 151 
LEU CD1 HD12 sing N N 152 
LEU CD1 HD13 sing N N 153 
LEU CD2 HD21 sing N N 154 
LEU CD2 HD22 sing N N 155 
LEU CD2 HD23 sing N N 156 
LEU OXT HXT  sing N N 157 
LYS N   CA   sing N N 158 
LYS N   H    sing N N 159 
LYS N   H2   sing N N 160 
LYS CA  C    sing N N 161 
LYS CA  CB   sing N N 162 
LYS CA  HA   sing N N 163 
LYS C   O    doub N N 164 
LYS C   OXT  sing N N 165 
LYS CB  CG   sing N N 166 
LYS CB  HB2  sing N N 167 
LYS CB  HB3  sing N N 168 
LYS CG  CD   sing N N 169 
LYS CG  HG2  sing N N 170 
LYS CG  HG3  sing N N 171 
LYS CD  CE   sing N N 172 
LYS CD  HD2  sing N N 173 
LYS CD  HD3  sing N N 174 
LYS CE  NZ   sing N N 175 
LYS CE  HE2  sing N N 176 
LYS CE  HE3  sing N N 177 
LYS NZ  HZ1  sing N N 178 
LYS NZ  HZ2  sing N N 179 
LYS NZ  HZ3  sing N N 180 
LYS OXT HXT  sing N N 181 
PHE N   CA   sing N N 182 
PHE N   H    sing N N 183 
PHE N   H2   sing N N 184 
PHE CA  C    sing N N 185 
PHE CA  CB   sing N N 186 
PHE CA  HA   sing N N 187 
PHE C   O    doub N N 188 
PHE C   OXT  sing N N 189 
PHE CB  CG   sing N N 190 
PHE CB  HB2  sing N N 191 
PHE CB  HB3  sing N N 192 
PHE CG  CD1  doub Y N 193 
PHE CG  CD2  sing Y N 194 
PHE CD1 CE1  sing Y N 195 
PHE CD1 HD1  sing N N 196 
PHE CD2 CE2  doub Y N 197 
PHE CD2 HD2  sing N N 198 
PHE CE1 CZ   doub Y N 199 
PHE CE1 HE1  sing N N 200 
PHE CE2 CZ   sing Y N 201 
PHE CE2 HE2  sing N N 202 
PHE CZ  HZ   sing N N 203 
PHE OXT HXT  sing N N 204 
SER N   CA   sing N N 205 
SER N   H    sing N N 206 
SER N   H2   sing N N 207 
SER CA  C    sing N N 208 
SER CA  CB   sing N N 209 
SER CA  HA   sing N N 210 
SER C   O    doub N N 211 
SER C   OXT  sing N N 212 
SER CB  OG   sing N N 213 
SER CB  HB2  sing N N 214 
SER CB  HB3  sing N N 215 
SER OG  HG   sing N N 216 
SER OXT HXT  sing N N 217 
VAL N   CA   sing N N 218 
VAL N   H    sing N N 219 
VAL N   H2   sing N N 220 
VAL CA  C    sing N N 221 
VAL CA  CB   sing N N 222 
VAL CA  HA   sing N N 223 
VAL C   O    doub N N 224 
VAL C   OXT  sing N N 225 
VAL CB  CG1  sing N N 226 
VAL CB  CG2  sing N N 227 
VAL CB  HB   sing N N 228 
VAL CG1 HG11 sing N N 229 
VAL CG1 HG12 sing N N 230 
VAL CG1 HG13 sing N N 231 
VAL CG2 HG21 sing N N 232 
VAL CG2 HG22 sing N N 233 
VAL CG2 HG23 sing N N 234 
VAL OXT HXT  sing N N 235 
# 
_pdbx_nmr_spectrometer.spectrometer_id   1 
_pdbx_nmr_spectrometer.type              ? 
_pdbx_nmr_spectrometer.manufacturer      Bruker 
_pdbx_nmr_spectrometer.model             DRX 
_pdbx_nmr_spectrometer.field_strength    500 
# 
_atom_sites.entry_id                    1NMJ 
_atom_sites.fract_transf_matrix[1][1]   1.000000 
_atom_sites.fract_transf_matrix[1][2]   0.000000 
_atom_sites.fract_transf_matrix[1][3]   0.000000 
_atom_sites.fract_transf_matrix[2][1]   0.000000 
_atom_sites.fract_transf_matrix[2][2]   1.000000 
_atom_sites.fract_transf_matrix[2][3]   0.000000 
_atom_sites.fract_transf_matrix[3][1]   0.000000 
_atom_sites.fract_transf_matrix[3][2]   0.000000 
_atom_sites.fract_transf_matrix[3][3]   1.000000 
_atom_sites.fract_transf_vector[1]      0.00000 
_atom_sites.fract_transf_vector[2]      0.00000 
_atom_sites.fract_transf_vector[3]      0.00000 
# 
loop_
_atom_type.symbol 
C 
H 
N 
O 
# 
loop_
_atom_site.group_PDB 
_atom_site.id 
_atom_site.type_symbol 
_atom_site.label_atom_id 
_atom_site.label_alt_id 
_atom_site.label_comp_id 
_atom_site.label_asym_id 
_atom_site.label_entity_id 
_atom_site.label_seq_id 
_atom_site.pdbx_PDB_ins_code 
_atom_site.Cartn_x 
_atom_site.Cartn_y 
_atom_site.Cartn_z 
_atom_site.occupancy 
_atom_site.B_iso_or_equiv 
_atom_site.pdbx_formal_charge 
_atom_site.auth_seq_id 
_atom_site.auth_comp_id 
_atom_site.auth_asym_id 
_atom_site.auth_atom_id 
_atom_site.pdbx_PDB_model_num 
ATOM 1   N N    . ASP A 1 1  ? -4.761  -2.542  -17.297 1.00 10.00 ? 1  ASP A N    1 
ATOM 2   C CA   . ASP A 1 1  ? -5.751  -1.977  -16.366 1.00 10.00 ? 1  ASP A CA   1 
ATOM 3   C C    . ASP A 1 1  ? -5.481  -2.495  -14.949 1.00 10.00 ? 1  ASP A C    1 
ATOM 4   O O    . ASP A 1 1  ? -4.688  -1.933  -14.199 1.00 10.00 ? 1  ASP A O    1 
ATOM 5   C CB   . ASP A 1 1  ? -5.767  -0.446  -16.445 1.00 10.00 ? 1  ASP A CB   1 
ATOM 6   C CG   . ASP A 1 1  ? -4.398  0.176   -16.201 1.00 10.00 ? 1  ASP A CG   1 
ATOM 7   O OD1  . ASP A 1 1  ? -3.417  -0.488  -16.614 1.00 10.00 ? 1  ASP A OD1  1 
ATOM 8   O OD2  . ASP A 1 1  ? -4.360  1.289   -15.642 1.00 10.00 ? 1  ASP A OD2  1 
ATOM 9   H H1   . ASP A 1 1  ? -3.887  -2.057  -17.070 1.00 10.00 ? 1  ASP A H1   1 
ATOM 10  H H2   . ASP A 1 1  ? -4.683  -3.548  -17.147 1.00 10.00 ? 1  ASP A H2   1 
ATOM 11  H H3   . ASP A 1 1  ? -5.006  -2.350  -18.252 1.00 10.00 ? 1  ASP A H3   1 
ATOM 12  H HA   . ASP A 1 1  ? -6.744  -2.309  -16.663 1.00 10.00 ? 1  ASP A HA   1 
ATOM 13  H HB2  . ASP A 1 1  ? -6.110  -0.127  -17.430 1.00 10.00 ? 1  ASP A HB2  1 
ATOM 14  H HB3  . ASP A 1 1  ? -6.472  -0.079  -15.701 1.00 10.00 ? 1  ASP A HB3  1 
ATOM 15  N N    . ALA A 1 2  ? -6.123  -3.610  -14.592 1.00 10.00 ? 2  ALA A N    1 
ATOM 16  C CA   . ALA A 1 2  ? -5.866  -4.317  -13.347 1.00 10.00 ? 2  ALA A CA   1 
ATOM 17  C C    . ALA A 1 2  ? -4.415  -4.799  -13.293 1.00 10.00 ? 2  ALA A C    1 
ATOM 18  O O    . ALA A 1 2  ? -3.793  -4.821  -12.233 1.00 10.00 ? 2  ALA A O    1 
ATOM 19  C CB   . ALA A 1 2  ? -6.835  -5.495  -13.221 1.00 10.00 ? 2  ALA A CB   1 
ATOM 20  H H    . ALA A 1 2  ? -6.693  -4.087  -15.270 1.00 10.00 ? 2  ALA A H    1 
ATOM 21  H HA   . ALA A 1 2  ? -6.056  -3.623  -12.534 1.00 10.00 ? 2  ALA A HA   1 
ATOM 22  H HB1  . ALA A 1 2  ? -6.681  -6.196  -14.043 1.00 10.00 ? 2  ALA A HB1  1 
ATOM 23  H HB2  . ALA A 1 2  ? -6.662  -6.010  -12.276 1.00 10.00 ? 2  ALA A HB2  1 
ATOM 24  H HB3  . ALA A 1 2  ? -7.864  -5.134  -13.244 1.00 10.00 ? 2  ALA A HB3  1 
ATOM 25  N N    . GLU A 1 3  ? -3.878  -5.165  -14.457 1.00 10.00 ? 3  GLU A N    1 
ATOM 26  C CA   . GLU A 1 3  ? -2.542  -5.678  -14.715 1.00 10.00 ? 3  GLU A CA   1 
ATOM 27  C C    . GLU A 1 3  ? -1.483  -4.574  -14.590 1.00 10.00 ? 3  GLU A C    1 
ATOM 28  O O    . GLU A 1 3  ? -0.634  -4.408  -15.462 1.00 10.00 ? 3  GLU A O    1 
ATOM 29  C CB   . GLU A 1 3  ? -2.532  -6.225  -16.149 1.00 10.00 ? 3  GLU A CB   1 
ATOM 30  C CG   . GLU A 1 3  ? -3.762  -7.073  -16.539 1.00 10.00 ? 3  GLU A CG   1 
ATOM 31  C CD   . GLU A 1 3  ? -4.863  -6.277  -17.242 1.00 10.00 ? 3  GLU A CD   1 
ATOM 32  O OE1  . GLU A 1 3  ? -5.072  -5.104  -16.849 1.00 10.00 ? 3  GLU A OE1  1 
ATOM 33  O OE2  . GLU A 1 3  ? -5.482  -6.838  -18.167 1.00 10.00 ? 3  GLU A OE2  1 
ATOM 34  H H    . GLU A 1 3  ? -4.477  -5.104  -15.274 1.00 10.00 ? 3  GLU A H    1 
ATOM 35  H HA   . GLU A 1 3  ? -2.322  -6.483  -14.012 1.00 10.00 ? 3  GLU A HA   1 
ATOM 36  H HB2  . GLU A 1 3  ? -2.464  -5.378  -16.832 1.00 10.00 ? 3  GLU A HB2  1 
ATOM 37  H HB3  . GLU A 1 3  ? -1.625  -6.819  -16.252 1.00 10.00 ? 3  GLU A HB3  1 
ATOM 38  H HG2  . GLU A 1 3  ? -3.428  -7.835  -17.245 1.00 10.00 ? 3  GLU A HG2  1 
ATOM 39  H HG3  . GLU A 1 3  ? -4.171  -7.582  -15.667 1.00 10.00 ? 3  GLU A HG3  1 
ATOM 40  N N    . PHE A 1 4  ? -1.568  -3.780  -13.529 1.00 10.00 ? 4  PHE A N    1 
ATOM 41  C CA   . PHE A 1 4  ? -0.953  -2.465  -13.477 1.00 10.00 ? 4  PHE A CA   1 
ATOM 42  C C    . PHE A 1 4  ? 0.569   -2.567  -13.391 1.00 10.00 ? 4  PHE A C    1 
ATOM 43  O O    . PHE A 1 4  ? 1.287   -1.823  -14.053 1.00 10.00 ? 4  PHE A O    1 
ATOM 44  C CB   . PHE A 1 4  ? -1.573  -1.696  -12.312 1.00 10.00 ? 4  PHE A CB   1 
ATOM 45  C CG   . PHE A 1 4  ? -1.331  -0.203  -12.360 1.00 10.00 ? 4  PHE A CG   1 
ATOM 46  C CD1  . PHE A 1 4  ? -2.104  0.588   -13.229 1.00 10.00 ? 4  PHE A CD1  1 
ATOM 47  C CD2  . PHE A 1 4  ? -0.324  0.394   -11.580 1.00 10.00 ? 4  PHE A CD2  1 
ATOM 48  C CE1  . PHE A 1 4  ? -1.884  1.972   -13.310 1.00 10.00 ? 4  PHE A CE1  1 
ATOM 49  C CE2  . PHE A 1 4  ? -0.108  1.783   -11.655 1.00 10.00 ? 4  PHE A CE2  1 
ATOM 50  C CZ   . PHE A 1 4  ? -0.890  2.572   -12.518 1.00 10.00 ? 4  PHE A CZ   1 
ATOM 51  H H    . PHE A 1 4  ? -2.264  -4.017  -12.835 1.00 10.00 ? 4  PHE A H    1 
ATOM 52  H HA   . PHE A 1 4  ? -1.210  -1.943  -14.401 1.00 10.00 ? 4  PHE A HA   1 
ATOM 53  H HB2  . PHE A 1 4  ? -2.653  -1.854  -12.365 1.00 10.00 ? 4  PHE A HB2  1 
ATOM 54  H HB3  . PHE A 1 4  ? -1.217  -2.115  -11.371 1.00 10.00 ? 4  PHE A HB3  1 
ATOM 55  H HD1  . PHE A 1 4  ? -2.855  0.134   -13.862 1.00 10.00 ? 4  PHE A HD1  1 
ATOM 56  H HD2  . PHE A 1 4  ? 0.298   -0.210  -10.935 1.00 10.00 ? 4  PHE A HD2  1 
ATOM 57  H HE1  . PHE A 1 4  ? -2.477  2.558   -14.001 1.00 10.00 ? 4  PHE A HE1  1 
ATOM 58  H HE2  . PHE A 1 4  ? 0.672   2.239   -11.064 1.00 10.00 ? 4  PHE A HE2  1 
ATOM 59  H HZ   . PHE A 1 4  ? -0.715  3.635   -12.589 1.00 10.00 ? 4  PHE A HZ   1 
ATOM 60  N N    . GLY A 1 5  ? 1.065   -3.510  -12.588 1.00 10.00 ? 5  GLY A N    1 
ATOM 61  C CA   . GLY A 1 5  ? 2.453   -3.853  -12.500 1.00 10.00 ? 5  GLY A CA   1 
ATOM 62  C C    . GLY A 1 5  ? 2.674   -4.846  -11.367 1.00 10.00 ? 5  GLY A C    1 
ATOM 63  O O    . GLY A 1 5  ? 1.783   -5.043  -10.544 1.00 10.00 ? 5  GLY A O    1 
ATOM 64  H H    . GLY A 1 5  ? 0.479   -4.125  -12.063 1.00 10.00 ? 5  GLY A H    1 
ATOM 65  H HA2  . GLY A 1 5  ? 2.699   -4.320  -13.444 1.00 10.00 ? 5  GLY A HA2  1 
ATOM 66  H HA3  . GLY A 1 5  ? 3.030   -2.958  -12.322 1.00 10.00 ? 5  GLY A HA3  1 
ATOM 67  N N    . HIS A 1 6  ? 3.849   -5.483  -11.361 1.00 10.00 ? 6  HIS A N    1 
ATOM 68  C CA   . HIS A 1 6  ? 4.278   -6.450  -10.360 1.00 10.00 ? 6  HIS A CA   1 
ATOM 69  C C    . HIS A 1 6  ? 5.482   -5.884  -9.613  1.00 10.00 ? 6  HIS A C    1 
ATOM 70  O O    . HIS A 1 6  ? 5.473   -5.780  -8.390  1.00 10.00 ? 6  HIS A O    1 
ATOM 71  C CB   . HIS A 1 6  ? 4.607   -7.781  -11.043 1.00 10.00 ? 6  HIS A CB   1 
ATOM 72  C CG   . HIS A 1 6  ? 3.454   -8.418  -11.780 1.00 10.00 ? 6  HIS A CG   1 
ATOM 73  N ND1  . HIS A 1 6  ? 3.562   -9.267  -12.859 1.00 10.00 ? 6  HIS A ND1  1 
ATOM 74  C CD2  . HIS A 1 6  ? 2.115   -8.256  -11.522 1.00 10.00 ? 6  HIS A CD2  1 
ATOM 75  C CE1  . HIS A 1 6  ? 2.320   -9.605  -13.240 1.00 10.00 ? 6  HIS A CE1  1 
ATOM 76  N NE2  . HIS A 1 6  ? 1.404   -9.014  -12.455 1.00 10.00 ? 6  HIS A NE2  1 
ATOM 77  H H    . HIS A 1 6  ? 4.505   -5.261  -12.089 1.00 10.00 ? 6  HIS A H    1 
ATOM 78  H HA   . HIS A 1 6  ? 3.491   -6.598  -9.631  1.00 10.00 ? 6  HIS A HA   1 
ATOM 79  H HB2  . HIS A 1 6  ? 5.413   -7.619  -11.758 1.00 10.00 ? 6  HIS A HB2  1 
ATOM 80  H HB3  . HIS A 1 6  ? 4.969   -8.472  -10.284 1.00 10.00 ? 6  HIS A HB3  1 
ATOM 81  H HD1  . HIS A 1 6  ? 4.421   -9.580  -13.291 1.00 10.00 ? 6  HIS A HD1  1 
ATOM 82  H HD2  . HIS A 1 6  ? 1.679   -7.644  -10.747 1.00 10.00 ? 6  HIS A HD2  1 
ATOM 83  H HE1  . HIS A 1 6  ? 2.085   -10.262 -14.065 1.00 10.00 ? 6  HIS A HE1  1 
ATOM 84  N N    . ASP A 1 7  ? 6.487   -5.463  -10.388 1.00 10.00 ? 7  ASP A N    1 
ATOM 85  C CA   . ASP A 1 7  ? 7.433   -4.414  -10.032 1.00 10.00 ? 7  ASP A CA   1 
ATOM 86  C C    . ASP A 1 7  ? 6.765   -3.364  -9.138  1.00 10.00 ? 7  ASP A C    1 
ATOM 87  O O    . ASP A 1 7  ? 7.238   -3.030  -8.050  1.00 10.00 ? 7  ASP A O    1 
ATOM 88  C CB   . ASP A 1 7  ? 7.916   -3.763  -11.346 1.00 10.00 ? 7  ASP A CB   1 
ATOM 89  C CG   . ASP A 1 7  ? 8.277   -2.288  -11.184 1.00 10.00 ? 7  ASP A CG   1 
ATOM 90  O OD1  . ASP A 1 7  ? 9.418   -2.026  -10.753 1.00 10.00 ? 7  ASP A OD1  1 
ATOM 91  O OD2  . ASP A 1 7  ? 7.385   -1.457  -11.475 1.00 10.00 ? 7  ASP A OD2  1 
ATOM 92  H H    . ASP A 1 7  ? 6.467   -5.733  -11.356 1.00 10.00 ? 7  ASP A H    1 
ATOM 93  H HA   . ASP A 1 7  ? 8.282   -4.849  -9.505  1.00 10.00 ? 7  ASP A HA   1 
ATOM 94  H HB2  . ASP A 1 7  ? 8.784   -4.303  -11.723 1.00 10.00 ? 7  ASP A HB2  1 
ATOM 95  H HB3  . ASP A 1 7  ? 7.130   -3.804  -12.101 1.00 10.00 ? 7  ASP A HB3  1 
ATOM 96  N N    . SER A 1 8  ? 5.675   -2.806  -9.657  1.00 10.00 ? 8  SER A N    1 
ATOM 97  C CA   . SER A 1 8  ? 5.202   -1.533  -9.181  1.00 10.00 ? 8  SER A CA   1 
ATOM 98  C C    . SER A 1 8  ? 4.559   -1.664  -7.820  1.00 10.00 ? 8  SER A C    1 
ATOM 99  O O    . SER A 1 8  ? 3.831   -2.612  -7.541  1.00 10.00 ? 8  SER A O    1 
ATOM 100 C CB   . SER A 1 8  ? 4.204   -0.949  -10.161 1.00 10.00 ? 8  SER A CB   1 
ATOM 101 O OG   . SER A 1 8  ? 4.725   -1.091  -11.473 1.00 10.00 ? 8  SER A OG   1 
ATOM 102 H H    . SER A 1 8  ? 5.366   -3.102  -10.571 1.00 10.00 ? 8  SER A H    1 
ATOM 103 H HA   . SER A 1 8  ? 6.061   -0.858  -9.127  1.00 10.00 ? 8  SER A HA   1 
ATOM 104 H HB2  . SER A 1 8  ? 3.256   -1.479  -10.051 1.00 10.00 ? 8  SER A HB2  1 
ATOM 105 H HB3  . SER A 1 8  ? 4.044   0.093   -9.877  1.00 10.00 ? 8  SER A HB3  1 
ATOM 106 H HG   . SER A 1 8  ? 5.705   -1.099  -11.448 1.00 10.00 ? 8  SER A HG   1 
ATOM 107 N N    . GLY A 1 9  ? 4.809   -0.664  -6.983  1.00 10.00 ? 9  GLY A N    1 
ATOM 108 C CA   . GLY A 1 9  ? 4.259   -0.656  -5.650  1.00 10.00 ? 9  GLY A CA   1 
ATOM 109 C C    . GLY A 1 9  ? 4.799   -1.778  -4.784  1.00 10.00 ? 9  GLY A C    1 
ATOM 110 O O    . GLY A 1 9  ? 4.175   -2.187  -3.808  1.00 10.00 ? 9  GLY A O    1 
ATOM 111 H H    . GLY A 1 9  ? 5.414   0.089   -7.272  1.00 10.00 ? 9  GLY A H    1 
ATOM 112 H HA2  . GLY A 1 9  ? 4.608   0.254   -5.188  1.00 10.00 ? 9  GLY A HA2  1 
ATOM 113 H HA3  . GLY A 1 9  ? 3.184   -0.727  -5.753  1.00 10.00 ? 9  GLY A HA3  1 
ATOM 114 N N    . PHE A 1 10 ? 6.016   -2.172  -5.141  1.00 10.00 ? 10 PHE A N    1 
ATOM 115 C CA   . PHE A 1 10 ? 6.890   -3.145  -4.577  1.00 10.00 ? 10 PHE A CA   1 
ATOM 116 C C    . PHE A 1 10 ? 6.370   -3.917  -3.360  1.00 10.00 ? 10 PHE A C    1 
ATOM 117 O O    . PHE A 1 10 ? 5.910   -5.049  -3.503  1.00 10.00 ? 10 PHE A O    1 
ATOM 118 C CB   . PHE A 1 10 ? 8.255   -2.464  -4.443  1.00 10.00 ? 10 PHE A CB   1 
ATOM 119 C CG   . PHE A 1 10 ? 8.406   -1.407  -3.361  1.00 10.00 ? 10 PHE A CG   1 
ATOM 120 C CD1  . PHE A 1 10 ? 7.722   -0.180  -3.456  1.00 10.00 ? 10 PHE A CD1  1 
ATOM 121 C CD2  . PHE A 1 10 ? 9.201   -1.669  -2.230  1.00 10.00 ? 10 PHE A CD2  1 
ATOM 122 C CE1  . PHE A 1 10 ? 7.775   0.745   -2.399  1.00 10.00 ? 10 PHE A CE1  1 
ATOM 123 C CE2  . PHE A 1 10 ? 9.261   -0.740  -1.177  1.00 10.00 ? 10 PHE A CE2  1 
ATOM 124 C CZ   . PHE A 1 10 ? 8.544   0.465   -1.259  1.00 10.00 ? 10 PHE A CZ   1 
ATOM 125 H H    . PHE A 1 10 ? 6.429   -1.774  -5.968  1.00 10.00 ? 10 PHE A H    1 
ATOM 126 H HA   . PHE A 1 10 ? 6.918   -3.835  -5.410  1.00 10.00 ? 10 PHE A HA   1 
ATOM 127 H HB2  . PHE A 1 10 ? 8.976   -3.253  -4.322  1.00 10.00 ? 10 PHE A HB2  1 
ATOM 128 H HB3  . PHE A 1 10 ? 8.463   -1.971  -5.394  1.00 10.00 ? 10 PHE A HB3  1 
ATOM 129 H HD1  . PHE A 1 10 ? 7.167   0.069   -4.347  1.00 10.00 ? 10 PHE A HD1  1 
ATOM 130 H HD2  . PHE A 1 10 ? 9.743   -2.600  -2.138  1.00 10.00 ? 10 PHE A HD2  1 
ATOM 131 H HE1  . PHE A 1 10 ? 7.227   1.673   -2.463  1.00 10.00 ? 10 PHE A HE1  1 
ATOM 132 H HE2  . PHE A 1 10 ? 9.838   -0.967  -0.290  1.00 10.00 ? 10 PHE A HE2  1 
ATOM 133 H HZ   . PHE A 1 10 ? 8.593   1.173   -0.444  1.00 10.00 ? 10 PHE A HZ   1 
ATOM 134 N N    . GLU A 1 11 ? 6.414   -3.322  -2.168  1.00 10.00 ? 11 GLU A N    1 
ATOM 135 C CA   . GLU A 1 11 ? 5.818   -3.885  -0.962  1.00 10.00 ? 11 GLU A CA   1 
ATOM 136 C C    . GLU A 1 11 ? 4.291   -3.761  -1.019  1.00 10.00 ? 11 GLU A C    1 
ATOM 137 O O    . GLU A 1 11 ? 3.704   -3.055  -0.196  1.00 10.00 ? 11 GLU A O    1 
ATOM 138 C CB   . GLU A 1 11 ? 6.407   -3.185  0.262   1.00 10.00 ? 11 GLU A CB   1 
ATOM 139 C CG   . GLU A 1 11 ? 7.825   -3.674  0.587   1.00 10.00 ? 11 GLU A CG   1 
ATOM 140 C CD   . GLU A 1 11 ? 8.369   -2.997  1.840   1.00 10.00 ? 11 GLU A CD   1 
ATOM 141 O OE1  . GLU A 1 11 ? 7.699   -3.128  2.888   1.00 10.00 ? 11 GLU A OE1  1 
ATOM 142 O OE2  . GLU A 1 11 ? 9.421   -2.335  1.724   1.00 10.00 ? 11 GLU A OE2  1 
ATOM 143 H H    . GLU A 1 11 ? 6.825   -2.402  -2.113  1.00 10.00 ? 11 GLU A H    1 
ATOM 144 H HA   . GLU A 1 11 ? 6.062   -4.940  -0.866  1.00 10.00 ? 11 GLU A HA   1 
ATOM 145 H HB2  . GLU A 1 11 ? 6.410   -2.115  0.071   1.00 10.00 ? 11 GLU A HB2  1 
ATOM 146 H HB3  . GLU A 1 11 ? 5.782   -3.385  1.132   1.00 10.00 ? 11 GLU A HB3  1 
ATOM 147 H HG2  . GLU A 1 11 ? 7.808   -4.747  0.773   1.00 10.00 ? 11 GLU A HG2  1 
ATOM 148 H HG3  . GLU A 1 11 ? 8.492   -3.475  -0.248  1.00 10.00 ? 11 GLU A HG3  1 
ATOM 149 N N    . VAL A 1 12 ? 3.679   -4.474  -1.977  1.00 10.00 ? 12 VAL A N    1 
ATOM 150 C CA   . VAL A 1 12 ? 2.257   -4.613  -2.294  1.00 10.00 ? 12 VAL A CA   1 
ATOM 151 C C    . VAL A 1 12 ? 1.470   -3.313  -2.103  1.00 10.00 ? 12 VAL A C    1 
ATOM 152 O O    . VAL A 1 12 ? 1.153   -2.606  -3.054  1.00 10.00 ? 12 VAL A O    1 
ATOM 153 C CB   . VAL A 1 12 ? 1.658   -5.808  -1.524  1.00 10.00 ? 12 VAL A CB   1 
ATOM 154 C CG1  . VAL A 1 12 ? 0.195   -6.046  -1.923  1.00 10.00 ? 12 VAL A CG1  1 
ATOM 155 C CG2  . VAL A 1 12 ? 2.454   -7.092  -1.805  1.00 10.00 ? 12 VAL A CG2  1 
ATOM 156 H H    . VAL A 1 12 ? 4.310   -4.960  -2.606  1.00 10.00 ? 12 VAL A H    1 
ATOM 157 H HA   . VAL A 1 12 ? 2.207   -4.851  -3.357  1.00 10.00 ? 12 VAL A HA   1 
ATOM 158 H HB   . VAL A 1 12 ? 1.700   -5.616  -0.451  1.00 10.00 ? 12 VAL A HB   1 
ATOM 159 H HG11 . VAL A 1 12 ? -0.193  -6.918  -1.397  1.00 10.00 ? 12 VAL A HG11 1 
ATOM 160 H HG12 . VAL A 1 12 ? -0.421  -5.187  -1.661  1.00 10.00 ? 12 VAL A HG12 1 
ATOM 161 H HG13 . VAL A 1 12 ? 0.126   -6.220  -2.999  1.00 10.00 ? 12 VAL A HG13 1 
ATOM 162 H HG21 . VAL A 1 12 ? 3.476   -6.999  -1.437  1.00 10.00 ? 12 VAL A HG21 1 
ATOM 163 H HG22 . VAL A 1 12 ? 2.477   -7.291  -2.877  1.00 10.00 ? 12 VAL A HG22 1 
ATOM 164 H HG23 . VAL A 1 12 ? 1.986   -7.935  -1.298  1.00 10.00 ? 12 VAL A HG23 1 
ATOM 165 N N    . ARG A 1 13 ? 1.200   -2.962  -0.849  1.00 10.00 ? 13 ARG A N    1 
ATOM 166 C CA   . ARG A 1 13 ? 0.676   -1.689  -0.406  1.00 10.00 ? 13 ARG A CA   1 
ATOM 167 C C    . ARG A 1 13 ? 1.704   -0.553  -0.536  1.00 10.00 ? 13 ARG A C    1 
ATOM 168 O O    . ARG A 1 13 ? 1.726   0.366   0.288   1.00 10.00 ? 13 ARG A O    1 
ATOM 169 C CB   . ARG A 1 13 ? 0.235   -1.877  1.051   1.00 10.00 ? 13 ARG A CB   1 
ATOM 170 C CG   . ARG A 1 13 ? -1.156  -2.515  1.208   1.00 10.00 ? 13 ARG A CG   1 
ATOM 171 C CD   . ARG A 1 13 ? -1.535  -2.468  2.696   1.00 10.00 ? 13 ARG A CD   1 
ATOM 172 N NE   . ARG A 1 13 ? -2.903  -2.942  2.981   1.00 10.00 ? 13 ARG A NE   1 
ATOM 173 C CZ   . ARG A 1 13 ? -3.515  -2.778  4.172   1.00 10.00 ? 13 ARG A CZ   1 
ATOM 174 N NH1  . ARG A 1 13 ? -2.939  -2.037  5.118   1.00 10.00 ? 13 ARG A NH1  1 
ATOM 175 N NH2  . ARG A 1 13 ? -4.694  -3.356  4.422   1.00 10.00 ? 13 ARG A NH2  1 
ATOM 176 H H    . ARG A 1 13 ? 1.679   -3.500  -0.147  1.00 10.00 ? 13 ARG A H    1 
ATOM 177 H HA   . ARG A 1 13 ? -0.162  -1.427  -1.026  1.00 10.00 ? 13 ARG A HA   1 
ATOM 178 H HB2  . ARG A 1 13 ? 0.994   -2.487  1.540   1.00 10.00 ? 13 ARG A HB2  1 
ATOM 179 H HB3  . ARG A 1 13 ? 0.230   -0.921  1.556   1.00 10.00 ? 13 ARG A HB3  1 
ATOM 180 H HG2  . ARG A 1 13 ? -1.881  -1.943  0.628   1.00 10.00 ? 13 ARG A HG2  1 
ATOM 181 H HG3  . ARG A 1 13 ? -1.136  -3.545  0.846   1.00 10.00 ? 13 ARG A HG3  1 
ATOM 182 H HD2  . ARG A 1 13 ? -0.836  -3.101  3.243   1.00 10.00 ? 13 ARG A HD2  1 
ATOM 183 H HD3  . ARG A 1 13 ? -1.433  -1.435  3.026   1.00 10.00 ? 13 ARG A HD3  1 
ATOM 184 H HE   . ARG A 1 13 ? -3.359  -3.479  2.256   1.00 10.00 ? 13 ARG A HE   1 
ATOM 185 H HH11 . ARG A 1 13 ? -2.051  -1.603  4.957   1.00 10.00 ? 13 ARG A HH11 1 
ATOM 186 H HH12 . ARG A 1 13 ? -3.311  -1.947  6.073   1.00 10.00 ? 13 ARG A HH12 1 
ATOM 187 H HH21 . ARG A 1 13 ? -5.157  -3.932  3.736   1.00 10.00 ? 13 ARG A HH21 1 
ATOM 188 H HH22 . ARG A 1 13 ? -5.119  -3.232  5.332   1.00 10.00 ? 13 ARG A HH22 1 
ATOM 189 N N    . HIS A 1 14 ? 2.577   -0.599  -1.548  1.00 10.00 ? 14 HIS A N    1 
ATOM 190 C CA   . HIS A 1 14 ? 3.596   0.414   -1.797  1.00 10.00 ? 14 HIS A CA   1 
ATOM 191 C C    . HIS A 1 14 ? 4.490   0.657   -0.575  1.00 10.00 ? 14 HIS A C    1 
ATOM 192 O O    . HIS A 1 14 ? 5.217   1.642   -0.543  1.00 10.00 ? 14 HIS A O    1 
ATOM 193 C CB   . HIS A 1 14 ? 2.898   1.684   -2.285  1.00 10.00 ? 14 HIS A CB   1 
ATOM 194 C CG   . HIS A 1 14 ? 2.105   1.516   -3.560  1.00 10.00 ? 14 HIS A CG   1 
ATOM 195 N ND1  . HIS A 1 14 ? 2.448   2.013   -4.798  1.00 10.00 ? 14 HIS A ND1  1 
ATOM 196 C CD2  . HIS A 1 14 ? 0.877   0.919   -3.683  1.00 10.00 ? 14 HIS A CD2  1 
ATOM 197 C CE1  . HIS A 1 14 ? 1.452   1.708   -5.648  1.00 10.00 ? 14 HIS A CE1  1 
ATOM 198 N NE2  . HIS A 1 14 ? 0.471   1.047   -5.014  1.00 10.00 ? 14 HIS A NE2  1 
ATOM 199 H H    . HIS A 1 14 ? 2.493   -1.353  -2.216  1.00 10.00 ? 14 HIS A H    1 
ATOM 200 H HA   . HIS A 1 14 ? 4.278   0.135   -2.591  1.00 10.00 ? 14 HIS A HA   1 
ATOM 201 H HB2  . HIS A 1 14 ? 2.234   2.043   -1.503  1.00 10.00 ? 14 HIS A HB2  1 
ATOM 202 H HB3  . HIS A 1 14 ? 3.666   2.424   -2.466  1.00 10.00 ? 14 HIS A HB3  1 
ATOM 203 H HD1  . HIS A 1 14 ? 3.288   2.518   -5.033  1.00 10.00 ? 14 HIS A HD1  1 
ATOM 204 H HD2  . HIS A 1 14 ? 0.306   0.456   -2.892  1.00 10.00 ? 14 HIS A HD2  1 
ATOM 205 H HE1  . HIS A 1 14 ? 1.437   1.967   -6.696  1.00 10.00 ? 14 HIS A HE1  1 
ATOM 206 N N    . GLN A 1 15 ? 4.419   -0.206  0.438   1.00 10.00 ? 15 GLN A N    1 
ATOM 207 C CA   . GLN A 1 15 ? 4.880   0.040   1.803   1.00 10.00 ? 15 GLN A CA   1 
ATOM 208 C C    . GLN A 1 15 ? 4.190   1.250   2.447   1.00 10.00 ? 15 GLN A C    1 
ATOM 209 O O    . GLN A 1 15 ? 3.495   1.107   3.453   1.00 10.00 ? 15 GLN A O    1 
ATOM 210 C CB   . GLN A 1 15 ? 6.418   0.088   1.876   1.00 10.00 ? 15 GLN A CB   1 
ATOM 211 C CG   . GLN A 1 15 ? 7.013   0.595   3.196   1.00 10.00 ? 15 GLN A CG   1 
ATOM 212 C CD   . GLN A 1 15 ? 7.127   2.118   3.280   1.00 10.00 ? 15 GLN A CD   1 
ATOM 213 O OE1  . GLN A 1 15 ? 7.253   2.806   2.269   1.00 10.00 ? 15 GLN A OE1  1 
ATOM 214 N NE2  . GLN A 1 15 ? 7.066   2.672   4.486   1.00 10.00 ? 15 GLN A NE2  1 
ATOM 215 H H    . GLN A 1 15 ? 3.827   -1.012  0.275   1.00 10.00 ? 15 GLN A H    1 
ATOM 216 H HA   . GLN A 1 15 ? 4.544   -0.834  2.358   1.00 10.00 ? 15 GLN A HA   1 
ATOM 217 H HB2  . GLN A 1 15 ? 6.764   -0.934  1.788   1.00 10.00 ? 15 GLN A HB2  1 
ATOM 218 H HB3  . GLN A 1 15 ? 6.839   0.645   1.046   1.00 10.00 ? 15 GLN A HB3  1 
ATOM 219 H HG2  . GLN A 1 15 ? 6.417   0.202   4.016   1.00 10.00 ? 15 GLN A HG2  1 
ATOM 220 H HG3  . GLN A 1 15 ? 8.024   0.193   3.287   1.00 10.00 ? 15 GLN A HG3  1 
ATOM 221 H HE21 . GLN A 1 15 ? 6.945   2.096   5.312   1.00 10.00 ? 15 GLN A HE21 1 
ATOM 222 H HE22 . GLN A 1 15 ? 7.155   3.670   4.571   1.00 10.00 ? 15 GLN A HE22 1 
ATOM 223 N N    . LYS A 1 16 ? 4.371   2.455   1.903   1.00 10.00 ? 16 LYS A N    1 
ATOM 224 C CA   . LYS A 1 16 ? 3.928   3.676   2.566   1.00 10.00 ? 16 LYS A CA   1 
ATOM 225 C C    . LYS A 1 16 ? 2.430   3.703   2.870   1.00 10.00 ? 16 LYS A C    1 
ATOM 226 O O    . LYS A 1 16 ? 2.017   4.529   3.673   1.00 10.00 ? 16 LYS A O    1 
ATOM 227 C CB   . LYS A 1 16 ? 4.453   4.959   1.890   1.00 10.00 ? 16 LYS A CB   1 
ATOM 228 C CG   . LYS A 1 16 ? 3.732   5.428   0.615   1.00 10.00 ? 16 LYS A CG   1 
ATOM 229 C CD   . LYS A 1 16 ? 3.934   4.522   -0.605  1.00 10.00 ? 16 LYS A CD   1 
ATOM 230 C CE   . LYS A 1 16 ? 5.395   4.350   -1.063  1.00 10.00 ? 16 LYS A CE   1 
ATOM 231 N NZ   . LYS A 1 16 ? 6.035   5.624   -1.441  1.00 10.00 ? 16 LYS A NZ   1 
ATOM 232 H H    . LYS A 1 16 ? 4.979   2.510   1.093   1.00 10.00 ? 16 LYS A H    1 
ATOM 233 H HA   . LYS A 1 16 ? 4.393   3.679   3.551   1.00 10.00 ? 16 LYS A HA   1 
ATOM 234 H HB2  . LYS A 1 16 ? 4.326   5.761   2.619   1.00 10.00 ? 16 LYS A HB2  1 
ATOM 235 H HB3  . LYS A 1 16 ? 5.523   4.865   1.714   1.00 10.00 ? 16 LYS A HB3  1 
ATOM 236 H HG2  . LYS A 1 16 ? 2.662   5.493   0.823   1.00 10.00 ? 16 LYS A HG2  1 
ATOM 237 H HG3  . LYS A 1 16 ? 4.065   6.441   0.383   1.00 10.00 ? 16 LYS A HG3  1 
ATOM 238 H HD2  . LYS A 1 16 ? 3.527   3.546   -0.348  1.00 10.00 ? 16 LYS A HD2  1 
ATOM 239 H HD3  . LYS A 1 16 ? 3.336   4.911   -1.432  1.00 10.00 ? 16 LYS A HD3  1 
ATOM 240 H HE2  . LYS A 1 16 ? 5.988   3.901   -0.265  1.00 10.00 ? 16 LYS A HE2  1 
ATOM 241 H HE3  . LYS A 1 16 ? 5.414   3.654   -1.912  1.00 10.00 ? 16 LYS A HE3  1 
ATOM 242 H HZ1  . LYS A 1 16 ? 6.981   5.445   -1.751  1.00 10.00 ? 16 LYS A HZ1  1 
ATOM 243 H HZ2  . LYS A 1 16 ? 5.522   6.074   -2.186  1.00 10.00 ? 16 LYS A HZ2  1 
ATOM 244 H HZ3  . LYS A 1 16 ? 6.073   6.236   -0.638  1.00 10.00 ? 16 LYS A HZ3  1 
ATOM 245 N N    . LEU A 1 17 ? 1.618   2.809   2.293   1.00 10.00 ? 17 LEU A N    1 
ATOM 246 C CA   . LEU A 1 17 ? 0.212   2.692   2.628   1.00 10.00 ? 17 LEU A CA   1 
ATOM 247 C C    . LEU A 1 17 ? 0.019   1.798   3.850   1.00 10.00 ? 17 LEU A C    1 
ATOM 248 O O    . LEU A 1 17 ? -0.623  2.228   4.806   1.00 10.00 ? 17 LEU A O    1 
ATOM 249 C CB   . LEU A 1 17 ? -0.533  2.183   1.394   1.00 10.00 ? 17 LEU A CB   1 
ATOM 250 C CG   . LEU A 1 17 ? -2.051  2.396   1.386   1.00 10.00 ? 17 LEU A CG   1 
ATOM 251 C CD1  . LEU A 1 17 ? -2.555  2.423   -0.062  1.00 10.00 ? 17 LEU A CD1  1 
ATOM 252 C CD2  . LEU A 1 17 ? -2.799  1.281   2.130   1.00 10.00 ? 17 LEU A CD2  1 
ATOM 253 H H    . LEU A 1 17 ? 1.992   2.114   1.664   1.00 10.00 ? 17 LEU A H    1 
ATOM 254 H HA   . LEU A 1 17 ? -0.144  3.682   2.898   1.00 10.00 ? 17 LEU A HA   1 
ATOM 255 H HB2  . LEU A 1 17 ? -0.107  2.707   0.539   1.00 10.00 ? 17 LEU A HB2  1 
ATOM 256 H HB3  . LEU A 1 17 ? -0.322  1.127   1.299   1.00 10.00 ? 17 LEU A HB3  1 
ATOM 257 H HG   . LEU A 1 17 ? -2.268  3.364   1.834   1.00 10.00 ? 17 LEU A HG   1 
ATOM 258 H HD11 . LEU A 1 17 ? -3.636  2.564   -0.075  1.00 10.00 ? 17 LEU A HD11 1 
ATOM 259 H HD12 . LEU A 1 17 ? -2.310  1.486   -0.562  1.00 10.00 ? 17 LEU A HD12 1 
ATOM 260 H HD13 . LEU A 1 17 ? -2.091  3.248   -0.604  1.00 10.00 ? 17 LEU A HD13 1 
ATOM 261 H HD21 . LEU A 1 17 ? -2.458  1.191   3.157   1.00 10.00 ? 17 LEU A HD21 1 
ATOM 262 H HD22 . LEU A 1 17 ? -2.642  0.329   1.623   1.00 10.00 ? 17 LEU A HD22 1 
ATOM 263 H HD23 . LEU A 1 17 ? -3.867  1.502   2.139   1.00 10.00 ? 17 LEU A HD23 1 
ATOM 264 N N    . VAL A 1 18 ? 0.594   0.585   3.855   1.00 10.00 ? 18 VAL A N    1 
ATOM 265 C CA   . VAL A 1 18 ? 0.561   -0.280  5.038   1.00 10.00 ? 18 VAL A CA   1 
ATOM 266 C C    . VAL A 1 18 ? 1.161   0.431   6.235   1.00 10.00 ? 18 VAL A C    1 
ATOM 267 O O    . VAL A 1 18 ? 0.811   0.146   7.372   1.00 10.00 ? 18 VAL A O    1 
ATOM 268 C CB   . VAL A 1 18 ? 1.220   -1.652  4.789   1.00 10.00 ? 18 VAL A CB   1 
ATOM 269 C CG1  . VAL A 1 18 ? 2.735   -1.735  5.012   1.00 10.00 ? 18 VAL A CG1  1 
ATOM 270 C CG2  . VAL A 1 18 ? 0.595   -2.734  5.683   1.00 10.00 ? 18 VAL A CG2  1 
ATOM 271 H H    . VAL A 1 18 ? 1.200   0.328   3.090   1.00 10.00 ? 18 VAL A H    1 
ATOM 272 H HA   . VAL A 1 18 ? -0.487  -0.433  5.271   1.00 10.00 ? 18 VAL A HA   1 
ATOM 273 H HB   . VAL A 1 18 ? 1.054   -1.880  3.746   1.00 10.00 ? 18 VAL A HB   1 
ATOM 274 H HG11 . VAL A 1 18 ? 2.988   -1.524  6.050   1.00 10.00 ? 18 VAL A HG11 1 
ATOM 275 H HG12 . VAL A 1 18 ? 3.080   -2.742  4.773   1.00 10.00 ? 18 VAL A HG12 1 
ATOM 276 H HG13 . VAL A 1 18 ? 3.252   -1.050  4.355   1.00 10.00 ? 18 VAL A HG13 1 
ATOM 277 H HG21 . VAL A 1 18 ? -0.481  -2.785  5.547   1.00 10.00 ? 18 VAL A HG21 1 
ATOM 278 H HG22 . VAL A 1 18 ? 1.017   -3.709  5.436   1.00 10.00 ? 18 VAL A HG22 1 
ATOM 279 H HG23 . VAL A 1 18 ? 0.799   -2.517  6.731   1.00 10.00 ? 18 VAL A HG23 1 
ATOM 280 N N    . PHE A 1 19 ? 2.046   1.384   5.954   1.00 10.00 ? 19 PHE A N    1 
ATOM 281 C CA   . PHE A 1 19 ? 2.465   2.313   6.979   1.00 10.00 ? 19 PHE A CA   1 
ATOM 282 C C    . PHE A 1 19 ? 1.356   3.353   7.159   1.00 10.00 ? 19 PHE A C    1 
ATOM 283 O O    . PHE A 1 19 ? 0.529   3.249   8.057   1.00 10.00 ? 19 PHE A O    1 
ATOM 284 C CB   . PHE A 1 19 ? 3.816   2.935   6.611   1.00 10.00 ? 19 PHE A CB   1 
ATOM 285 C CG   . PHE A 1 19 ? 5.042   2.104   6.954   1.00 10.00 ? 19 PHE A CG   1 
ATOM 286 C CD1  . PHE A 1 19 ? 5.180   0.797   6.452   1.00 10.00 ? 19 PHE A CD1  1 
ATOM 287 C CD2  . PHE A 1 19 ? 6.083   2.666   7.720   1.00 10.00 ? 19 PHE A CD2  1 
ATOM 288 C CE1  . PHE A 1 19 ? 6.334   0.047   6.729   1.00 10.00 ? 19 PHE A CE1  1 
ATOM 289 C CE2  . PHE A 1 19 ? 7.252   1.926   7.973   1.00 10.00 ? 19 PHE A CE2  1 
ATOM 290 C CZ   . PHE A 1 19 ? 7.377   0.616   7.479   1.00 10.00 ? 19 PHE A CZ   1 
ATOM 291 H H    . PHE A 1 19 ? 2.256   1.552   4.969   1.00 10.00 ? 19 PHE A H    1 
ATOM 292 H HA   . PHE A 1 19 ? 2.584   1.790   7.930   1.00 10.00 ? 19 PHE A HA   1 
ATOM 293 H HB2  . PHE A 1 19 ? 3.833   3.151   5.549   1.00 10.00 ? 19 PHE A HB2  1 
ATOM 294 H HB3  . PHE A 1 19 ? 3.877   3.883   7.132   1.00 10.00 ? 19 PHE A HB3  1 
ATOM 295 H HD1  . PHE A 1 19 ? 4.408   0.367   5.836   1.00 10.00 ? 19 PHE A HD1  1 
ATOM 296 H HD2  . PHE A 1 19 ? 5.993   3.665   8.123   1.00 10.00 ? 19 PHE A HD2  1 
ATOM 297 H HE1  . PHE A 1 19 ? 6.426   -0.965  6.357   1.00 10.00 ? 19 PHE A HE1  1 
ATOM 298 H HE2  . PHE A 1 19 ? 8.044   2.355   8.570   1.00 10.00 ? 19 PHE A HE2  1 
ATOM 299 H HZ   . PHE A 1 19 ? 8.267   0.040   7.688   1.00 10.00 ? 19 PHE A HZ   1 
ATOM 300 N N    . PHE A 1 20 ? 1.334   4.374   6.305   1.00 10.00 ? 20 PHE A N    1 
ATOM 301 C CA   . PHE A 1 20 ? 0.596   5.601   6.568   1.00 10.00 ? 20 PHE A CA   1 
ATOM 302 C C    . PHE A 1 20 ? -0.900  5.410   6.726   1.00 10.00 ? 20 PHE A C    1 
ATOM 303 O O    . PHE A 1 20 ? -1.506  5.961   7.639   1.00 10.00 ? 20 PHE A O    1 
ATOM 304 C CB   . PHE A 1 20 ? 0.802   6.563   5.405   1.00 10.00 ? 20 PHE A CB   1 
ATOM 305 C CG   . PHE A 1 20 ? 0.274   7.964   5.648   1.00 10.00 ? 20 PHE A CG   1 
ATOM 306 C CD1  . PHE A 1 20 ? 0.791   8.736   6.704   1.00 10.00 ? 20 PHE A CD1  1 
ATOM 307 C CD2  . PHE A 1 20 ? -0.798  8.460   4.881   1.00 10.00 ? 20 PHE A CD2  1 
ATOM 308 C CE1  . PHE A 1 20 ? 0.242   9.997   6.992   1.00 10.00 ? 20 PHE A CE1  1 
ATOM 309 C CE2  . PHE A 1 20 ? -1.337  9.729   5.161   1.00 10.00 ? 20 PHE A CE2  1 
ATOM 310 C CZ   . PHE A 1 20 ? -0.814  10.499  6.213   1.00 10.00 ? 20 PHE A CZ   1 
ATOM 311 H H    . PHE A 1 20 ? 1.952   4.354   5.497   1.00 10.00 ? 20 PHE A H    1 
ATOM 312 H HA   . PHE A 1 20 ? 0.963   6.012   7.508   1.00 10.00 ? 20 PHE A HA   1 
ATOM 313 H HB2  . PHE A 1 20 ? 1.858   6.603   5.161   1.00 10.00 ? 20 PHE A HB2  1 
ATOM 314 H HB3  . PHE A 1 20 ? 0.276   6.113   4.563   1.00 10.00 ? 20 PHE A HB3  1 
ATOM 315 H HD1  . PHE A 1 20 ? 1.581   8.349   7.333   1.00 10.00 ? 20 PHE A HD1  1 
ATOM 316 H HD2  . PHE A 1 20 ? -1.232  7.865   4.090   1.00 10.00 ? 20 PHE A HD2  1 
ATOM 317 H HE1  . PHE A 1 20 ? 0.611   10.564  7.836   1.00 10.00 ? 20 PHE A HE1  1 
ATOM 318 H HE2  . PHE A 1 20 ? -2.169  10.102  4.581   1.00 10.00 ? 20 PHE A HE2  1 
ATOM 319 H HZ   . PHE A 1 20 ? -1.246  11.462  6.447   1.00 10.00 ? 20 PHE A HZ   1 
ATOM 320 N N    . ALA A 1 21 ? -1.524  4.662   5.818   1.00 10.00 ? 21 ALA A N    1 
ATOM 321 C CA   . ALA A 1 21 ? -2.961  4.480   5.899   1.00 10.00 ? 21 ALA A CA   1 
ATOM 322 C C    . ALA A 1 21 ? -3.310  3.793   7.212   1.00 10.00 ? 21 ALA A C    1 
ATOM 323 O O    . ALA A 1 21 ? -4.371  4.030   7.786   1.00 10.00 ? 21 ALA A O    1 
ATOM 324 C CB   . ALA A 1 21 ? -3.459  3.688   4.693   1.00 10.00 ? 21 ALA A CB   1 
ATOM 325 H H    . ALA A 1 21 ? -0.989  4.082   5.182   1.00 10.00 ? 21 ALA A H    1 
ATOM 326 H HA   . ALA A 1 21 ? -3.426  5.464   5.902   1.00 10.00 ? 21 ALA A HA   1 
ATOM 327 H HB1  . ALA A 1 21 ? -3.141  2.650   4.780   1.00 10.00 ? 21 ALA A HB1  1 
ATOM 328 H HB2  . ALA A 1 21 ? -3.045  4.122   3.785   1.00 10.00 ? 21 ALA A HB2  1 
ATOM 329 H HB3  . ALA A 1 21 ? -4.547  3.722   4.656   1.00 10.00 ? 21 ALA A HB3  1 
ATOM 330 N N    . GLU A 1 22 ? -2.383  2.968   7.700   1.00 10.00 ? 22 GLU A N    1 
ATOM 331 C CA   . GLU A 1 22 ? -2.580  2.227   8.932   1.00 10.00 ? 22 GLU A CA   1 
ATOM 332 C C    . GLU A 1 22 ? -2.205  3.100   10.138  1.00 10.00 ? 22 GLU A C    1 
ATOM 333 O O    . GLU A 1 22 ? -2.808  2.976   11.200  1.00 10.00 ? 22 GLU A O    1 
ATOM 334 C CB   . GLU A 1 22 ? -1.879  0.871   8.819   1.00 10.00 ? 22 GLU A CB   1 
ATOM 335 C CG   . GLU A 1 22 ? -2.626  -0.309  9.470   1.00 10.00 ? 22 GLU A CG   1 
ATOM 336 C CD   . GLU A 1 22 ? -2.600  -1.544  8.572   1.00 10.00 ? 22 GLU A CD   1 
ATOM 337 O OE1  . GLU A 1 22 ? -3.457  -1.604  7.655   1.00 10.00 ? 22 GLU A OE1  1 
ATOM 338 O OE2  . GLU A 1 22 ? -1.717  -2.396  8.772   1.00 10.00 ? 22 GLU A OE2  1 
ATOM 339 H H    . GLU A 1 22 ? -1.466  2.958   7.255   1.00 10.00 ? 22 GLU A H    1 
ATOM 340 H HA   . GLU A 1 22 ? -3.635  2.006   8.992   1.00 10.00 ? 22 GLU A HA   1 
ATOM 341 H HB2  . GLU A 1 22 ? -1.863  0.650   7.755   1.00 10.00 ? 22 GLU A HB2  1 
ATOM 342 H HB3  . GLU A 1 22 ? -0.856  0.931   9.187   1.00 10.00 ? 22 GLU A HB3  1 
ATOM 343 H HG2  . GLU A 1 22 ? -2.175  -0.545  10.432  1.00 10.00 ? 22 GLU A HG2  1 
ATOM 344 H HG3  . GLU A 1 22 ? -3.673  -0.067  9.644   1.00 10.00 ? 22 GLU A HG3  1 
ATOM 345 N N    . ASP A 1 23 ? -1.270  4.042   9.951   1.00 10.00 ? 23 ASP A N    1 
ATOM 346 C CA   . ASP A 1 23 ? -0.955  5.075   10.927  1.00 10.00 ? 23 ASP A CA   1 
ATOM 347 C C    . ASP A 1 23 ? -2.194  5.917   11.207  1.00 10.00 ? 23 ASP A C    1 
ATOM 348 O O    . ASP A 1 23 ? -2.675  5.996   12.338  1.00 10.00 ? 23 ASP A O    1 
ATOM 349 C CB   . ASP A 1 23 ? 0.182   5.957   10.397  1.00 10.00 ? 23 ASP A CB   1 
ATOM 350 C CG   . ASP A 1 23 ? 0.595   6.995   11.427  1.00 10.00 ? 23 ASP A CG   1 
ATOM 351 O OD1  . ASP A 1 23 ? 1.470   6.658   12.252  1.00 10.00 ? 23 ASP A OD1  1 
ATOM 352 O OD2  . ASP A 1 23 ? 0.036   8.109   11.358  1.00 10.00 ? 23 ASP A OD2  1 
ATOM 353 H H    . ASP A 1 23 ? -0.782  4.085   9.061   1.00 10.00 ? 23 ASP A H    1 
ATOM 354 H HA   . ASP A 1 23 ? -0.632  4.597   11.849  1.00 10.00 ? 23 ASP A HA   1 
ATOM 355 H HB2  . ASP A 1 23 ? 1.022   5.326   10.144  1.00 10.00 ? 23 ASP A HB2  1 
ATOM 356 H HB3  . ASP A 1 23 ? -0.109  6.496   9.501   1.00 10.00 ? 23 ASP A HB3  1 
ATOM 357 N N    . VAL A 1 24 ? -2.738  6.520   10.147  1.00 10.00 ? 24 VAL A N    1 
ATOM 358 C CA   . VAL A 1 24 ? -3.910  7.364   10.277  1.00 10.00 ? 24 VAL A CA   1 
ATOM 359 C C    . VAL A 1 24 ? -5.127  6.522   10.661  1.00 10.00 ? 24 VAL A C    1 
ATOM 360 O O    . VAL A 1 24 ? -6.000  7.005   11.386  1.00 10.00 ? 24 VAL A O    1 
ATOM 361 C CB   . VAL A 1 24 ? -4.143  8.226   9.029   1.00 10.00 ? 24 VAL A CB   1 
ATOM 362 C CG1  . VAL A 1 24 ? -2.900  9.055   8.680   1.00 10.00 ? 24 VAL A CG1  1 
ATOM 363 C CG2  . VAL A 1 24 ? -4.616  7.426   7.816   1.00 10.00 ? 24 VAL A CG2  1 
ATOM 364 H H    . VAL A 1 24 ? -2.305  6.388   9.238   1.00 10.00 ? 24 VAL A H    1 
ATOM 365 H HA   . VAL A 1 24 ? -3.710  8.052   11.099  1.00 10.00 ? 24 VAL A HA   1 
ATOM 366 H HB   . VAL A 1 24 ? -4.938  8.917   9.283   1.00 10.00 ? 24 VAL A HB   1 
ATOM 367 H HG11 . VAL A 1 24 ? -3.145  9.762   7.888   1.00 10.00 ? 24 VAL A HG11 1 
ATOM 368 H HG12 . VAL A 1 24 ? -2.567  9.612   9.557   1.00 10.00 ? 24 VAL A HG12 1 
ATOM 369 H HG13 . VAL A 1 24 ? -2.088  8.414   8.339   1.00 10.00 ? 24 VAL A HG13 1 
ATOM 370 H HG21 . VAL A 1 24 ? -3.904  6.634   7.626   1.00 10.00 ? 24 VAL A HG21 1 
ATOM 371 H HG22 . VAL A 1 24 ? -5.598  6.991   8.000   1.00 10.00 ? 24 VAL A HG22 1 
ATOM 372 H HG23 . VAL A 1 24 ? -4.678  8.074   6.942   1.00 10.00 ? 24 VAL A HG23 1 
ATOM 373 N N    . GLY A 1 25 ? -5.161  5.260   10.206  1.00 10.00 ? 25 GLY A N    1 
ATOM 374 C CA   . GLY A 1 25 ? -6.124  4.227   10.577  1.00 10.00 ? 25 GLY A CA   1 
ATOM 375 C C    . GLY A 1 25 ? -5.991  3.804   12.043  1.00 10.00 ? 25 GLY A C    1 
ATOM 376 O O    . GLY A 1 25 ? -5.859  2.630   12.378  1.00 10.00 ? 25 GLY A O    1 
ATOM 377 H H    . GLY A 1 25 ? -4.448  4.982   9.540   1.00 10.00 ? 25 GLY A H    1 
ATOM 378 H HA2  . GLY A 1 25 ? -7.132  4.599   10.397  1.00 10.00 ? 25 GLY A HA2  1 
ATOM 379 H HA3  . GLY A 1 25 ? -5.959  3.355   9.946   1.00 10.00 ? 25 GLY A HA3  1 
ATOM 380 N N    . SER A 1 26 ? -6.102  4.790   12.926  1.00 10.00 ? 26 SER A N    1 
ATOM 381 C CA   . SER A 1 26 ? -5.990  4.715   14.365  1.00 10.00 ? 26 SER A CA   1 
ATOM 382 C C    . SER A 1 26 ? -7.186  3.996   14.989  1.00 10.00 ? 26 SER A C    1 
ATOM 383 O O    . SER A 1 26 ? -7.077  3.523   16.118  1.00 10.00 ? 26 SER A O    1 
ATOM 384 C CB   . SER A 1 26 ? -5.834  6.145   14.866  1.00 10.00 ? 26 SER A CB   1 
ATOM 385 O OG   . SER A 1 26 ? -6.776  6.999   14.237  1.00 10.00 ? 26 SER A OG   1 
ATOM 386 H H    . SER A 1 26 ? -6.297  5.705   12.556  1.00 10.00 ? 26 SER A H    1 
ATOM 387 H HA   . SER A 1 26 ? -5.095  4.170   14.655  1.00 10.00 ? 26 SER A HA   1 
ATOM 388 H HB2  . SER A 1 26 ? -5.953  6.123   15.945  1.00 10.00 ? 26 SER A HB2  1 
ATOM 389 H HB3  . SER A 1 26 ? -4.829  6.495   14.626  1.00 10.00 ? 26 SER A HB3  1 
ATOM 390 H HG   . SER A 1 26 ? -6.436  7.284   13.375  1.00 10.00 ? 26 SER A HG   1 
ATOM 391 N N    . ASN A 1 27 ? -8.285  3.915   14.231  1.00 10.00 ? 27 ASN A N    1 
ATOM 392 C CA   . ASN A 1 27 ? -9.311  2.894   14.163  1.00 10.00 ? 27 ASN A CA   1 
ATOM 393 C C    . ASN A 1 27 ? -9.215  1.654   15.048  1.00 10.00 ? 27 ASN A C    1 
ATOM 394 O O    . ASN A 1 27 ? -9.424  1.707   16.259  1.00 10.00 ? 27 ASN A O    1 
ATOM 395 C CB   . ASN A 1 27 ? -10.695 3.530   14.045  1.00 10.00 ? 27 ASN A CB   1 
ATOM 396 C CG   . ASN A 1 27 ? -11.414 3.683   15.381  1.00 10.00 ? 27 ASN A CG   1 
ATOM 397 O OD1  . ASN A 1 27 ? -12.494 3.139   15.581  1.00 10.00 ? 27 ASN A OD1  1 
ATOM 398 N ND2  . ASN A 1 27 ? -10.838 4.457   16.295  1.00 10.00 ? 27 ASN A ND2  1 
ATOM 399 H H    . ASN A 1 27 ? -8.279  4.462   13.390  1.00 10.00 ? 27 ASN A H    1 
ATOM 400 H HA   . ASN A 1 27 ? -9.049  2.484   13.196  1.00 10.00 ? 27 ASN A HA   1 
ATOM 401 H HB2  . ASN A 1 27 ? -10.620 4.509   13.569  1.00 10.00 ? 27 ASN A HB2  1 
ATOM 402 H HB3  . ASN A 1 27 ? -11.264 2.896   13.377  1.00 10.00 ? 27 ASN A HB3  1 
ATOM 403 H HD21 . ASN A 1 27 ? -9.929  4.855   16.115  1.00 10.00 ? 27 ASN A HD21 1 
ATOM 404 H HD22 . ASN A 1 27 ? -11.291 4.559   17.189  1.00 10.00 ? 27 ASN A HD22 1 
ATOM 405 N N    . LYS A 1 28 ? -8.813  0.549   14.407  1.00 10.00 ? 28 LYS A N    1 
ATOM 406 C CA   . LYS A 1 28 ? -8.560  -0.762  14.943  1.00 10.00 ? 28 LYS A CA   1 
ATOM 407 C C    . LYS A 1 28 ? -9.654  -1.692  14.425  1.00 10.00 ? 28 LYS A C    1 
ATOM 408 O O    . LYS A 1 28 ? -10.115 -1.425  13.293  1.00 10.00 ? 28 LYS A O    1 
ATOM 409 C CB   . LYS A 1 28 ? -7.168  -1.278  14.542  1.00 10.00 ? 28 LYS A CB   1 
ATOM 410 C CG   . LYS A 1 28 ? -5.988  -0.286  14.418  1.00 10.00 ? 28 LYS A CG   1 
ATOM 411 C CD   . LYS A 1 28 ? -5.323  0.119   15.744  1.00 10.00 ? 28 LYS A CD   1 
ATOM 412 C CE   . LYS A 1 28 ? -6.397  0.681   16.674  1.00 10.00 ? 28 LYS A CE   1 
ATOM 413 N NZ   . LYS A 1 28 ? -5.929  1.706   17.620  1.00 10.00 ? 28 LYS A NZ   1 
ATOM 414 O OXT  . LYS A 1 28 ? -9.991  -2.645  15.158  1.00 10.00 ? 28 LYS A OXT  1 
ATOM 415 H H    . LYS A 1 28 ? -8.812  0.526   13.408  1.00 10.00 ? 28 LYS A H    1 
ATOM 416 H HA   . LYS A 1 28 ? -8.618  -0.726  16.003  1.00 10.00 ? 28 LYS A HA   1 
ATOM 417 H HB2  . LYS A 1 28 ? -6.904  -2.084  15.225  1.00 10.00 ? 28 LYS A HB2  1 
ATOM 418 H HB3  . LYS A 1 28 ? -7.312  -1.714  13.561  1.00 10.00 ? 28 LYS A HB3  1 
ATOM 419 H HG2  . LYS A 1 28 ? -5.219  -0.765  13.810  1.00 10.00 ? 28 LYS A HG2  1 
ATOM 420 H HG3  . LYS A 1 28 ? -6.297  0.611   13.877  1.00 10.00 ? 28 LYS A HG3  1 
ATOM 421 H HD2  . LYS A 1 28 ? -4.839  -0.747  16.201  1.00 10.00 ? 28 LYS A HD2  1 
ATOM 422 H HD3  . LYS A 1 28 ? -4.568  0.874   15.514  1.00 10.00 ? 28 LYS A HD3  1 
ATOM 423 H HE2  . LYS A 1 28 ? -7.093  1.185   16.017  1.00 10.00 ? 28 LYS A HE2  1 
ATOM 424 H HE3  . LYS A 1 28 ? -6.893  -0.127  17.209  1.00 10.00 ? 28 LYS A HE3  1 
ATOM 425 H HZ1  . LYS A 1 28 ? -5.952  2.593   17.118  1.00 10.00 ? 28 LYS A HZ1  1 
ATOM 426 H HZ2  . LYS A 1 28 ? -6.604  1.790   18.366  1.00 10.00 ? 28 LYS A HZ2  1 
ATOM 427 H HZ3  . LYS A 1 28 ? -5.013  1.505   17.990  1.00 10.00 ? 28 LYS A HZ3  1 
# 
